data_1SW5
#
_entry.id   1SW5
#
_cell.length_a   161.500
_cell.length_b   56.500
_cell.length_c   116.100
_cell.angle_alpha   90.00
_cell.angle_beta   110.60
_cell.angle_gamma   90.00
#
_symmetry.space_group_name_H-M   'C 1 2 1'
#
loop_
_entity.id
_entity.type
_entity.pdbx_description
1 polymer 'osmoprotection protein (proX)'
2 non-polymer 'CHLORIDE ION'
3 non-polymer 'MAGNESIUM ION'
4 water water
#
_entity_poly.entity_id   1
_entity_poly.type   'polypeptide(L)'
_entity_poly.pdbx_seq_one_letter_code
;GSQSSERVVIGSKPFNEQYILANMIAILLEENGYKAEVKEGLGGTLVNYEALKRNDIQLYVEYTGTAYNVILRKQPPELW
DQQYIFDEVKKGLLEADGVVVAAKLGFRDDYALAVRADWAEENGVEKISDLAEFADQLVFGSDPEFASRPDGLPQIKKVY
GFEFKEVKQMEPTLMYEAIKNKQVDVIPAYTTDSRVDLFNLKILEDDKGALPPYDAIIIVNGNTAKDEKLISVLKLLEDR
IDTDTMRALNYQYDVEKKDAREIAMSFLKEQGLVK
;
_entity_poly.pdbx_strand_id   A,B,C,D
#
loop_
_chem_comp.id
_chem_comp.type
_chem_comp.name
_chem_comp.formula
CL non-polymer 'CHLORIDE ION' 'Cl -1'
MG non-polymer 'MAGNESIUM ION' 'Mg 2'
#
# COMPACT_ATOMS: atom_id res chain seq x y z
N GLU A 6 -30.34 -6.05 -19.79
CA GLU A 6 -29.84 -7.03 -20.81
C GLU A 6 -28.98 -8.09 -20.12
N ARG A 7 -28.89 -9.26 -20.72
CA ARG A 7 -27.97 -10.33 -20.30
C ARG A 7 -26.55 -9.84 -19.98
N VAL A 8 -25.91 -10.49 -19.04
CA VAL A 8 -24.54 -10.15 -18.65
C VAL A 8 -23.76 -11.40 -18.96
N VAL A 9 -22.79 -11.31 -19.85
CA VAL A 9 -22.03 -12.48 -20.30
C VAL A 9 -20.68 -12.41 -19.58
N ILE A 10 -20.29 -13.51 -18.95
CA ILE A 10 -19.11 -13.55 -18.09
C ILE A 10 -18.10 -14.47 -18.73
N GLY A 11 -16.87 -13.98 -18.90
CA GLY A 11 -15.83 -14.82 -19.46
C GLY A 11 -15.13 -15.63 -18.41
N SER A 12 -14.23 -16.48 -18.90
CA SER A 12 -13.37 -17.28 -18.02
C SER A 12 -12.23 -17.95 -18.77
N LYS A 13 -11.14 -18.12 -18.05
CA LYS A 13 -10.01 -18.90 -18.52
C LYS A 13 -10.27 -20.39 -18.20
N PRO A 14 -9.63 -21.31 -18.91
CA PRO A 14 -10.00 -22.74 -18.84
C PRO A 14 -9.35 -23.49 -17.64
N PHE A 15 -9.80 -23.16 -16.44
CA PHE A 15 -9.41 -23.94 -15.23
C PHE A 15 -10.37 -23.72 -14.08
N ASN A 16 -10.36 -24.70 -13.17
CA ASN A 16 -11.14 -24.76 -11.93
C ASN A 16 -11.65 -23.46 -11.28
N GLU A 17 -10.74 -22.65 -10.85
CA GLU A 17 -11.02 -21.46 -10.10
C GLU A 17 -11.86 -20.48 -10.90
N GLN A 18 -11.54 -20.45 -12.18
CA GLN A 18 -12.24 -19.58 -13.13
C GLN A 18 -13.65 -20.11 -13.33
N TYR A 19 -13.80 -21.41 -13.51
CA TYR A 19 -15.18 -21.96 -13.62
C TYR A 19 -16.03 -21.65 -12.36
N ILE A 20 -15.43 -21.86 -11.21
CA ILE A 20 -16.12 -21.60 -9.96
C ILE A 20 -16.52 -20.13 -9.84
N LEU A 21 -15.59 -19.21 -10.08
CA LEU A 21 -15.87 -17.77 -9.85
C LEU A 21 -16.82 -17.18 -10.86
N ALA A 22 -16.71 -17.61 -12.10
CA ALA A 22 -17.58 -17.12 -13.13
C ALA A 22 -19.01 -17.58 -12.85
N ASN A 23 -19.19 -18.83 -12.38
CA ASN A 23 -20.54 -19.28 -12.05
C ASN A 23 -21.05 -18.56 -10.80
N MET A 24 -20.17 -18.26 -9.86
CA MET A 24 -20.52 -17.53 -8.63
C MET A 24 -21.05 -16.16 -8.98
N ILE A 25 -20.36 -15.46 -9.87
CA ILE A 25 -20.76 -14.12 -10.26
C ILE A 25 -22.14 -14.23 -10.96
N ALA A 26 -22.26 -15.23 -11.84
CA ALA A 26 -23.52 -15.40 -12.54
C ALA A 26 -24.67 -15.66 -11.58
N ILE A 27 -24.48 -16.50 -10.57
CA ILE A 27 -25.58 -16.81 -9.68
C ILE A 27 -25.98 -15.57 -8.87
N LEU A 28 -24.99 -14.80 -8.42
CA LEU A 28 -25.25 -13.61 -7.65
C LEU A 28 -25.98 -12.55 -8.47
N LEU A 29 -25.62 -12.42 -9.73
CA LEU A 29 -26.28 -11.47 -10.60
C LEU A 29 -27.74 -11.87 -10.80
N GLU A 30 -28.01 -13.16 -10.99
CA GLU A 30 -29.39 -13.63 -11.22
C GLU A 30 -30.24 -13.49 -9.95
N GLU A 31 -29.64 -13.68 -8.78
CA GLU A 31 -30.33 -13.47 -7.52
C GLU A 31 -30.77 -12.01 -7.40
N ASN A 32 -30.00 -11.12 -8.04
CA ASN A 32 -30.24 -9.68 -8.03
C ASN A 32 -30.89 -9.10 -9.29
N GLY A 33 -31.57 -9.94 -10.05
CA GLY A 33 -32.46 -9.45 -11.09
C GLY A 33 -31.93 -9.45 -12.52
N TYR A 34 -30.66 -9.82 -12.70
CA TYR A 34 -30.03 -9.85 -14.01
C TYR A 34 -30.19 -11.25 -14.61
N LYS A 35 -30.09 -11.33 -15.92
CA LYS A 35 -29.91 -12.62 -16.57
C LYS A 35 -28.42 -12.73 -16.92
N ALA A 36 -27.82 -13.85 -16.60
CA ALA A 36 -26.39 -14.02 -16.78
C ALA A 36 -26.06 -15.30 -17.56
N GLU A 37 -24.97 -15.24 -18.32
CA GLU A 37 -24.49 -16.37 -19.11
C GLU A 37 -22.99 -16.47 -18.86
N VAL A 38 -22.52 -17.69 -18.62
CA VAL A 38 -21.08 -17.95 -18.48
C VAL A 38 -20.50 -18.60 -19.73
N LYS A 39 -19.39 -18.06 -20.23
CA LYS A 39 -18.62 -18.68 -21.30
C LYS A 39 -17.42 -19.38 -20.63
N GLU A 40 -17.60 -20.62 -20.21
CA GLU A 40 -16.56 -21.29 -19.47
C GLU A 40 -15.41 -21.62 -20.41
N GLY A 41 -14.19 -21.29 -20.02
CA GLY A 41 -13.03 -21.62 -20.84
C GLY A 41 -13.05 -20.95 -22.21
N LEU A 42 -13.51 -19.72 -22.23
CA LEU A 42 -13.53 -18.92 -23.43
C LEU A 42 -12.19 -18.94 -24.13
N GLY A 43 -11.15 -18.79 -23.32
CA GLY A 43 -9.79 -18.79 -23.79
C GLY A 43 -8.88 -18.24 -22.74
N GLY A 44 -7.68 -17.86 -23.18
CA GLY A 44 -6.69 -17.33 -22.29
C GLY A 44 -6.92 -15.87 -21.92
N THR A 45 -5.88 -15.29 -21.33
CA THR A 45 -5.90 -13.92 -20.84
C THR A 45 -6.34 -12.90 -21.87
N LEU A 46 -5.77 -12.99 -23.06
CA LEU A 46 -6.01 -11.95 -24.08
C LEU A 46 -7.26 -12.27 -24.90
N VAL A 47 -7.65 -13.54 -24.98
CA VAL A 47 -8.94 -13.88 -25.57
C VAL A 47 -10.01 -13.19 -24.72
N ASN A 48 -9.94 -13.37 -23.41
CA ASN A 48 -10.92 -12.71 -22.53
C ASN A 48 -10.85 -11.19 -22.56
N TYR A 49 -9.65 -10.64 -22.51
CA TYR A 49 -9.50 -9.20 -22.43
C TYR A 49 -9.98 -8.52 -23.72
N GLU A 50 -9.67 -9.10 -24.88
CA GLU A 50 -10.12 -8.55 -26.14
C GLU A 50 -11.63 -8.69 -26.29
N ALA A 51 -12.19 -9.78 -25.81
CA ALA A 51 -13.63 -9.94 -25.74
C ALA A 51 -14.28 -8.89 -24.88
N LEU A 52 -13.61 -8.55 -23.77
CA LEU A 52 -14.14 -7.57 -22.83
C LEU A 52 -14.16 -6.17 -23.47
N LYS A 53 -13.10 -5.82 -24.18
CA LYS A 53 -13.01 -4.52 -24.89
C LYS A 53 -14.12 -4.38 -25.94
N ARG A 54 -14.43 -5.46 -26.66
CA ARG A 54 -15.44 -5.49 -27.71
C ARG A 54 -16.86 -5.53 -27.19
N ASN A 55 -17.00 -5.77 -25.90
CA ASN A 55 -18.29 -6.07 -25.25
C ASN A 55 -18.91 -7.39 -25.65
N ASP A 56 -18.10 -8.32 -26.17
CA ASP A 56 -18.56 -9.69 -26.37
C ASP A 56 -18.73 -10.40 -25.02
N ILE A 57 -17.92 -10.05 -24.03
CA ILE A 57 -18.27 -10.29 -22.61
C ILE A 57 -18.31 -8.97 -21.87
N GLN A 58 -19.00 -8.96 -20.74
CA GLN A 58 -19.13 -7.78 -19.89
C GLN A 58 -18.13 -7.72 -18.76
N LEU A 59 -17.68 -8.88 -18.31
CA LEU A 59 -16.73 -8.97 -17.20
C LEU A 59 -16.07 -10.33 -17.14
N TYR A 60 -14.89 -10.36 -16.50
CA TYR A 60 -14.29 -11.62 -16.09
C TYR A 60 -13.33 -11.40 -14.93
N VAL A 61 -12.80 -12.51 -14.39
CA VAL A 61 -11.77 -12.49 -13.33
C VAL A 61 -10.36 -12.59 -13.88
N GLU A 62 -9.59 -11.53 -13.62
CA GLU A 62 -8.19 -11.40 -13.98
C GLU A 62 -7.37 -11.37 -12.70
N TYR A 63 -6.03 -11.42 -12.84
CA TYR A 63 -5.09 -11.34 -11.73
C TYR A 63 -4.17 -10.12 -11.96
N THR A 64 -3.85 -9.38 -10.90
CA THR A 64 -3.07 -8.16 -11.08
C THR A 64 -1.74 -8.39 -11.81
N GLY A 65 -0.93 -9.36 -11.39
CA GLY A 65 0.35 -9.57 -12.05
C GLY A 65 0.21 -9.96 -13.51
N THR A 66 -0.86 -10.69 -13.83
CA THR A 66 -1.10 -11.09 -15.20
C THR A 66 -1.47 -9.87 -16.04
N ALA A 67 -2.32 -8.97 -15.50
CA ALA A 67 -2.64 -7.76 -16.23
C ALA A 67 -1.40 -6.88 -16.43
N TYR A 68 -0.56 -6.80 -15.42
CA TYR A 68 0.65 -5.97 -15.45
C TYR A 68 1.62 -6.51 -16.52
N ASN A 69 1.83 -7.82 -16.54
CA ASN A 69 2.86 -8.43 -17.38
C ASN A 69 2.41 -8.73 -18.81
N VAL A 70 1.18 -9.19 -18.95
CA VAL A 70 0.65 -9.74 -20.19
C VAL A 70 -0.28 -8.78 -20.93
N ILE A 71 -1.19 -8.07 -20.25
CA ILE A 71 -2.09 -7.13 -20.91
C ILE A 71 -1.40 -5.80 -21.17
N LEU A 72 -0.83 -5.22 -20.12
CA LEU A 72 -0.18 -3.91 -20.19
C LEU A 72 1.27 -3.97 -20.65
N ARG A 73 1.87 -5.14 -20.48
CA ARG A 73 3.24 -5.43 -20.92
C ARG A 73 4.27 -4.49 -20.30
N LYS A 74 4.09 -4.20 -19.03
CA LYS A 74 4.96 -3.26 -18.31
C LYS A 74 6.27 -3.89 -17.86
N GLN A 75 7.30 -3.06 -17.74
CA GLN A 75 8.61 -3.46 -17.30
C GLN A 75 8.57 -3.83 -15.82
N PRO A 76 9.11 -5.00 -15.48
CA PRO A 76 9.05 -5.48 -14.10
C PRO A 76 9.86 -4.60 -13.17
N PRO A 77 9.35 -4.40 -11.97
CA PRO A 77 10.12 -3.71 -10.93
C PRO A 77 11.15 -4.67 -10.36
N GLU A 78 12.09 -4.15 -9.56
CA GLU A 78 13.11 -4.99 -8.96
C GLU A 78 12.52 -5.73 -7.80
N LEU A 79 11.70 -5.04 -7.01
CA LEU A 79 10.92 -5.70 -5.98
C LEU A 79 9.42 -5.49 -6.24
N TRP A 80 8.65 -6.55 -6.04
CA TRP A 80 7.22 -6.53 -6.34
C TRP A 80 6.39 -6.21 -5.11
N ASP A 81 5.61 -5.14 -5.16
CA ASP A 81 4.76 -4.72 -4.08
C ASP A 81 3.29 -4.88 -4.49
N GLN A 82 2.51 -5.59 -3.70
CA GLN A 82 1.09 -5.87 -3.99
C GLN A 82 0.28 -4.61 -4.32
N GLN A 83 0.37 -3.60 -3.47
CA GLN A 83 -0.36 -2.38 -3.68
C GLN A 83 0.09 -1.64 -4.93
N TYR A 84 1.40 -1.55 -5.18
CA TYR A 84 1.86 -0.76 -6.32
C TYR A 84 1.41 -1.40 -7.63
N ILE A 85 1.42 -2.74 -7.67
CA ILE A 85 1.05 -3.42 -8.89
C ILE A 85 -0.46 -3.25 -9.05
N PHE A 86 -1.23 -3.41 -7.98
CA PHE A 86 -2.67 -3.20 -8.08
C PHE A 86 -2.98 -1.80 -8.63
N ASP A 87 -2.32 -0.79 -8.08
CA ASP A 87 -2.53 0.61 -8.49
C ASP A 87 -2.19 0.84 -9.95
N GLU A 88 -1.05 0.33 -10.40
CA GLU A 88 -0.61 0.51 -11.78
C GLU A 88 -1.55 -0.20 -12.76
N VAL A 89 -2.08 -1.33 -12.34
CA VAL A 89 -3.02 -2.12 -13.16
C VAL A 89 -4.38 -1.41 -13.22
N LYS A 90 -4.90 -0.96 -12.09
CA LYS A 90 -6.16 -0.22 -12.11
C LYS A 90 -6.06 1.02 -13.01
N LYS A 91 -5.03 1.81 -12.80
CA LYS A 91 -4.82 3.02 -13.60
C LYS A 91 -4.57 2.70 -15.09
N GLY A 92 -3.75 1.67 -15.34
CA GLY A 92 -3.35 1.26 -16.67
C GLY A 92 -4.47 0.70 -17.51
N LEU A 93 -5.33 -0.12 -16.90
CA LEU A 93 -6.49 -0.66 -17.66
C LEU A 93 -7.50 0.45 -17.99
N LEU A 94 -7.69 1.36 -17.04
CA LEU A 94 -8.62 2.44 -17.28
C LEU A 94 -8.10 3.42 -18.35
N GLU A 95 -6.81 3.75 -18.27
CA GLU A 95 -6.18 4.72 -19.19
C GLU A 95 -6.18 4.15 -20.59
N ALA A 96 -5.85 2.87 -20.74
CA ALA A 96 -5.71 2.28 -22.06
C ALA A 96 -7.01 1.95 -22.77
N ASP A 97 -7.97 1.36 -22.06
CA ASP A 97 -9.16 0.74 -22.66
C ASP A 97 -10.47 1.06 -21.95
N GLY A 98 -10.41 1.90 -20.91
CA GLY A 98 -11.60 2.25 -20.14
C GLY A 98 -12.11 1.12 -19.24
N VAL A 99 -11.30 0.07 -19.10
CA VAL A 99 -11.70 -1.11 -18.33
C VAL A 99 -11.60 -0.75 -16.83
N VAL A 100 -12.62 -1.14 -16.07
CA VAL A 100 -12.77 -0.82 -14.65
C VAL A 100 -12.51 -2.03 -13.74
N VAL A 101 -11.73 -1.83 -12.68
CA VAL A 101 -11.62 -2.82 -11.62
C VAL A 101 -12.81 -2.68 -10.64
N ALA A 102 -13.77 -3.58 -10.75
CA ALA A 102 -14.99 -3.52 -9.95
C ALA A 102 -14.76 -3.94 -8.50
N ALA A 103 -13.91 -4.93 -8.28
CA ALA A 103 -13.71 -5.48 -6.93
C ALA A 103 -12.46 -6.34 -6.86
N LYS A 104 -11.75 -6.28 -5.75
CA LYS A 104 -10.74 -7.29 -5.41
C LYS A 104 -11.49 -8.41 -4.69
N LEU A 105 -11.28 -9.65 -5.10
CA LEU A 105 -12.03 -10.77 -4.52
C LEU A 105 -11.54 -11.19 -3.12
N GLY A 106 -10.26 -10.96 -2.85
CA GLY A 106 -9.73 -11.25 -1.54
C GLY A 106 -8.62 -12.26 -1.47
N PHE A 107 -8.30 -12.91 -2.59
CA PHE A 107 -7.25 -13.94 -2.65
C PHE A 107 -6.20 -13.65 -3.72
N ARG A 108 -5.07 -14.33 -3.63
CA ARG A 108 -3.99 -14.28 -4.60
C ARG A 108 -3.74 -15.70 -5.08
N ASP A 109 -3.52 -15.87 -6.37
CA ASP A 109 -3.09 -17.13 -6.95
C ASP A 109 -1.67 -16.91 -7.47
N ASP A 110 -0.71 -16.85 -6.54
CA ASP A 110 0.69 -16.55 -6.85
C ASP A 110 1.49 -17.84 -7.08
N TYR A 111 2.54 -17.74 -7.87
CA TYR A 111 3.62 -18.72 -7.79
C TYR A 111 4.38 -18.46 -6.51
N ALA A 112 4.43 -19.43 -5.60
CA ALA A 112 5.08 -19.25 -4.29
C ALA A 112 5.94 -20.46 -3.96
N LEU A 113 6.64 -20.38 -2.84
CA LEU A 113 7.40 -21.50 -2.29
C LEU A 113 6.51 -22.21 -1.25
N ALA A 114 6.56 -23.53 -1.26
CA ALA A 114 5.78 -24.36 -0.36
C ALA A 114 6.68 -25.38 0.34
N VAL A 115 6.38 -25.64 1.61
CA VAL A 115 7.06 -26.68 2.39
C VAL A 115 6.03 -27.58 3.03
N ARG A 116 6.45 -28.70 3.58
CA ARG A 116 5.55 -29.52 4.37
C ARG A 116 5.05 -28.72 5.60
N ALA A 117 3.75 -28.84 5.90
CA ALA A 117 3.15 -28.06 6.98
C ALA A 117 3.70 -28.42 8.37
N ASP A 118 3.80 -29.73 8.63
CA ASP A 118 4.32 -30.23 9.89
C ASP A 118 5.70 -29.62 10.18
N TRP A 119 6.60 -29.64 9.20
CA TRP A 119 7.94 -29.08 9.35
C TRP A 119 7.90 -27.58 9.59
N ALA A 120 7.11 -26.84 8.81
CA ALA A 120 6.92 -25.40 9.02
C ALA A 120 6.43 -25.11 10.44
N GLU A 121 5.40 -25.81 10.89
CA GLU A 121 4.83 -25.65 12.23
C GLU A 121 5.89 -25.85 13.35
N GLU A 122 6.67 -26.93 13.24
CA GLU A 122 7.73 -27.26 14.21
C GLU A 122 8.80 -26.16 14.29
N ASN A 123 9.09 -25.51 13.17
CA ASN A 123 10.23 -24.58 13.11
C ASN A 123 9.85 -23.12 13.06
N GLY A 124 8.56 -22.83 13.22
CA GLY A 124 8.04 -21.47 13.22
C GLY A 124 8.14 -20.76 11.88
N VAL A 125 8.13 -21.51 10.78
CA VAL A 125 8.39 -20.93 9.45
C VAL A 125 7.09 -20.50 8.79
N GLU A 126 7.02 -19.22 8.42
CA GLU A 126 5.81 -18.61 7.82
C GLU A 126 6.11 -17.85 6.52
N LYS A 127 7.34 -17.39 6.35
CA LYS A 127 7.69 -16.57 5.20
C LYS A 127 9.03 -17.01 4.63
N ILE A 128 9.35 -16.56 3.42
CA ILE A 128 10.56 -17.01 2.76
C ILE A 128 11.81 -16.63 3.55
N SER A 129 11.87 -15.47 4.19
CA SER A 129 13.09 -15.09 4.97
C SER A 129 13.36 -16.00 6.17
N ASP A 130 12.31 -16.65 6.68
CA ASP A 130 12.50 -17.66 7.75
C ASP A 130 13.30 -18.89 7.31
N LEU A 131 13.44 -19.12 5.99
CA LEU A 131 14.22 -20.26 5.48
C LEU A 131 15.73 -20.09 5.57
N ALA A 132 16.19 -18.84 5.66
CA ALA A 132 17.63 -18.54 5.67
C ALA A 132 18.39 -19.42 6.66
N GLU A 133 17.86 -19.51 7.88
CA GLU A 133 18.49 -20.29 8.95
C GLU A 133 18.60 -21.75 8.57
N PHE A 134 17.64 -22.26 7.78
CA PHE A 134 17.57 -23.68 7.45
C PHE A 134 18.04 -24.05 6.05
N ALA A 135 18.37 -23.06 5.23
CA ALA A 135 18.58 -23.27 3.78
C ALA A 135 19.67 -24.27 3.46
N ASP A 136 20.73 -24.29 4.26
CA ASP A 136 21.85 -25.19 4.04
C ASP A 136 21.53 -26.63 4.46
N GLN A 137 20.35 -26.84 5.05
CA GLN A 137 19.84 -28.17 5.34
C GLN A 137 18.69 -28.60 4.43
N LEU A 138 18.20 -27.71 3.56
CA LEU A 138 17.00 -27.99 2.78
C LEU A 138 17.29 -28.29 1.31
N VAL A 139 16.49 -29.19 0.76
CA VAL A 139 16.59 -29.58 -0.63
C VAL A 139 15.46 -28.87 -1.36
N PHE A 140 15.82 -28.13 -2.40
CA PHE A 140 14.87 -27.42 -3.25
C PHE A 140 14.64 -28.26 -4.50
N GLY A 141 13.37 -28.42 -4.88
CA GLY A 141 13.01 -29.19 -6.06
C GLY A 141 12.48 -28.22 -7.07
N SER A 142 13.06 -28.24 -8.26
CA SER A 142 12.84 -27.20 -9.24
C SER A 142 12.84 -27.75 -10.64
N ASP A 143 11.88 -27.34 -11.45
CA ASP A 143 12.02 -27.55 -12.89
C ASP A 143 13.26 -26.76 -13.38
N PRO A 144 13.87 -27.20 -14.48
CA PRO A 144 15.11 -26.58 -14.99
C PRO A 144 15.00 -25.09 -15.35
N GLU A 145 13.84 -24.67 -15.86
CA GLU A 145 13.62 -23.27 -16.25
C GLU A 145 13.59 -22.35 -15.04
N PHE A 146 12.96 -22.79 -13.94
CA PHE A 146 12.85 -21.96 -12.74
C PHE A 146 14.19 -21.84 -12.02
N ALA A 147 15.02 -22.88 -12.11
CA ALA A 147 16.34 -22.89 -11.48
C ALA A 147 17.34 -22.02 -12.23
N SER A 148 17.17 -21.91 -13.56
CA SER A 148 18.14 -21.22 -14.43
C SER A 148 17.80 -19.77 -14.78
N ARG A 149 16.54 -19.47 -15.11
CA ARG A 149 16.17 -18.15 -15.63
C ARG A 149 16.29 -17.04 -14.56
N PRO A 150 16.68 -15.82 -14.97
CA PRO A 150 17.05 -14.77 -14.00
C PRO A 150 15.97 -14.37 -12.99
N ASP A 151 14.70 -14.55 -13.33
CA ASP A 151 13.62 -14.11 -12.45
C ASP A 151 12.98 -15.27 -11.68
N GLY A 152 13.68 -16.42 -11.64
CA GLY A 152 13.24 -17.55 -10.85
C GLY A 152 14.06 -17.72 -9.59
N LEU A 153 14.55 -18.93 -9.38
CA LEU A 153 15.42 -19.24 -8.26
C LEU A 153 16.56 -18.23 -8.07
N PRO A 154 17.26 -17.82 -9.14
CA PRO A 154 18.30 -16.79 -9.00
C PRO A 154 17.80 -15.46 -8.39
N GLN A 155 16.57 -15.04 -8.68
CA GLN A 155 15.98 -13.84 -8.06
C GLN A 155 15.69 -14.02 -6.57
N ILE A 156 15.15 -15.17 -6.19
CA ILE A 156 14.91 -15.45 -4.79
C ILE A 156 16.25 -15.40 -4.05
N LYS A 157 17.26 -16.02 -4.64
CA LYS A 157 18.56 -16.08 -3.98
C LYS A 157 19.14 -14.67 -3.82
N LYS A 158 18.94 -13.82 -4.83
CA LYS A 158 19.44 -12.43 -4.83
C LYS A 158 18.72 -11.52 -3.84
N VAL A 159 17.40 -11.62 -3.81
CA VAL A 159 16.58 -10.85 -2.88
C VAL A 159 16.72 -11.31 -1.43
N TYR A 160 16.80 -12.62 -1.19
CA TYR A 160 16.78 -13.14 0.17
C TYR A 160 18.18 -13.46 0.73
N GLY A 161 19.16 -13.58 -0.15
CA GLY A 161 20.57 -13.72 0.25
C GLY A 161 20.92 -15.05 0.89
N PHE A 162 20.37 -16.13 0.37
CA PHE A 162 20.78 -17.46 0.79
C PHE A 162 20.74 -18.41 -0.41
N GLU A 163 21.28 -19.60 -0.20
CA GLU A 163 21.23 -20.70 -1.16
C GLU A 163 20.87 -21.99 -0.45
N PHE A 164 20.27 -22.93 -1.18
CA PHE A 164 19.91 -24.20 -0.59
C PHE A 164 21.07 -25.20 -0.56
N LYS A 165 20.94 -26.26 0.24
CA LYS A 165 21.90 -27.38 0.32
C LYS A 165 22.07 -28.05 -1.04
N GLU A 166 20.95 -28.29 -1.69
CA GLU A 166 20.90 -29.04 -2.92
C GLU A 166 19.73 -28.53 -3.72
N VAL A 167 19.86 -28.59 -5.03
CA VAL A 167 18.79 -28.30 -5.94
C VAL A 167 18.65 -29.52 -6.82
N LYS A 168 17.49 -30.16 -6.70
CA LYS A 168 17.18 -31.35 -7.51
C LYS A 168 16.28 -30.95 -8.66
N GLN A 169 16.69 -31.27 -9.89
CA GLN A 169 15.89 -30.91 -11.07
C GLN A 169 14.81 -31.92 -11.20
N MET A 170 13.60 -31.44 -11.46
CA MET A 170 12.50 -32.34 -11.72
C MET A 170 11.39 -31.54 -12.32
N GLU A 171 10.62 -32.20 -13.17
CA GLU A 171 9.49 -31.56 -13.83
C GLU A 171 8.30 -31.54 -12.89
N PRO A 172 7.35 -30.65 -13.13
CA PRO A 172 6.20 -30.51 -12.21
C PRO A 172 5.25 -31.71 -12.06
N THR A 173 5.27 -32.72 -12.92
CA THR A 173 4.21 -33.74 -12.85
C THR A 173 4.16 -34.56 -11.52
N LEU A 174 5.32 -34.92 -10.98
CA LEU A 174 5.35 -35.74 -9.76
C LEU A 174 6.04 -34.97 -8.62
N MET A 175 6.04 -33.64 -8.71
CA MET A 175 6.68 -32.78 -7.72
C MET A 175 5.98 -32.76 -6.36
N TYR A 176 4.65 -32.79 -6.34
CA TYR A 176 3.96 -32.86 -5.07
C TYR A 176 4.26 -34.21 -4.40
N GLU A 177 4.32 -35.27 -5.20
CA GLU A 177 4.65 -36.60 -4.75
C GLU A 177 6.07 -36.60 -4.13
N ALA A 178 6.96 -35.86 -4.77
CA ALA A 178 8.37 -35.76 -4.34
C ALA A 178 8.48 -35.06 -2.99
N ILE A 179 7.74 -33.99 -2.79
CA ILE A 179 7.75 -33.32 -1.49
C ILE A 179 7.06 -34.19 -0.42
N LYS A 180 5.97 -34.86 -0.76
CA LYS A 180 5.33 -35.76 0.21
C LYS A 180 6.28 -36.91 0.59
N ASN A 181 7.03 -37.42 -0.38
CA ASN A 181 7.93 -38.54 -0.16
C ASN A 181 9.27 -38.09 0.42
N LYS A 182 9.41 -36.78 0.64
CA LYS A 182 10.60 -36.20 1.29
C LYS A 182 11.85 -36.27 0.42
N GLN A 183 11.66 -36.46 -0.87
CA GLN A 183 12.78 -36.32 -1.84
C GLN A 183 13.33 -34.89 -1.87
N VAL A 184 12.42 -33.92 -1.74
CA VAL A 184 12.70 -32.50 -1.63
C VAL A 184 11.94 -31.94 -0.40
N ASP A 185 12.34 -30.76 0.04
CA ASP A 185 11.75 -30.06 1.19
C ASP A 185 11.03 -28.75 0.82
N VAL A 186 11.39 -28.19 -0.32
CA VAL A 186 10.80 -26.94 -0.80
C VAL A 186 10.51 -27.07 -2.29
N ILE A 187 9.33 -26.64 -2.74
CA ILE A 187 8.98 -26.61 -4.15
C ILE A 187 8.26 -25.31 -4.48
N PRO A 188 8.30 -24.90 -5.74
CA PRO A 188 7.40 -23.82 -6.19
C PRO A 188 6.02 -24.41 -6.39
N ALA A 189 4.99 -23.66 -5.99
CA ALA A 189 3.59 -24.13 -6.04
C ALA A 189 2.69 -22.92 -6.25
N TYR A 190 1.55 -23.12 -6.87
CA TYR A 190 0.54 -22.02 -6.94
C TYR A 190 -0.28 -22.01 -5.67
N THR A 191 -0.56 -20.82 -5.15
CA THR A 191 -1.11 -20.69 -3.80
C THR A 191 -2.49 -21.26 -3.65
N THR A 192 -3.29 -21.28 -4.71
CA THR A 192 -4.65 -21.89 -4.63
C THR A 192 -4.75 -23.32 -5.17
N ASP A 193 -3.62 -23.96 -5.46
CA ASP A 193 -3.65 -25.31 -5.97
C ASP A 193 -4.22 -26.26 -4.87
N SER A 194 -5.18 -27.08 -5.25
CA SER A 194 -5.81 -27.99 -4.30
C SER A 194 -4.81 -28.95 -3.71
N ARG A 195 -3.76 -29.27 -4.46
CA ARG A 195 -2.76 -30.21 -3.99
C ARG A 195 -1.98 -29.70 -2.79
N VAL A 196 -1.97 -28.38 -2.59
CA VAL A 196 -1.36 -27.82 -1.38
C VAL A 196 -2.17 -28.29 -0.14
N ASP A 197 -3.50 -28.39 -0.25
CA ASP A 197 -4.30 -28.96 0.85
C ASP A 197 -4.16 -30.50 0.89
N LEU A 198 -4.23 -31.14 -0.27
CA LEU A 198 -4.21 -32.62 -0.36
C LEU A 198 -2.98 -33.18 0.34
N PHE A 199 -1.84 -32.58 -0.02
CA PHE A 199 -0.54 -33.06 0.49
C PHE A 199 -0.05 -32.34 1.73
N ASN A 200 -0.91 -31.53 2.34
CA ASN A 200 -0.64 -30.90 3.65
C ASN A 200 0.64 -30.06 3.64
N LEU A 201 0.70 -29.16 2.66
CA LEU A 201 1.79 -28.19 2.57
C LEU A 201 1.37 -26.86 3.13
N LYS A 202 2.36 -26.01 3.37
CA LYS A 202 2.15 -24.64 3.74
C LYS A 202 2.83 -23.73 2.73
N ILE A 203 2.06 -22.76 2.25
CA ILE A 203 2.59 -21.71 1.38
C ILE A 203 3.34 -20.68 2.22
N LEU A 204 4.51 -20.24 1.75
CA LEU A 204 5.25 -19.22 2.46
C LEU A 204 5.03 -17.84 1.83
N GLU A 205 4.94 -16.84 2.69
CA GLU A 205 4.76 -15.47 2.26
C GLU A 205 6.07 -15.02 1.64
N ASP A 206 5.98 -14.40 0.48
CA ASP A 206 7.11 -13.77 -0.17
C ASP A 206 7.23 -12.37 0.40
N ASP A 207 7.80 -12.31 1.59
CA ASP A 207 7.83 -11.09 2.41
C ASP A 207 8.74 -9.98 1.87
N LYS A 208 9.72 -10.32 1.03
CA LYS A 208 10.58 -9.30 0.40
C LYS A 208 10.26 -8.99 -1.06
N GLY A 209 9.21 -9.58 -1.64
CA GLY A 209 8.73 -9.22 -2.97
C GLY A 209 9.61 -9.65 -4.14
N ALA A 210 10.19 -10.85 -4.07
CA ALA A 210 10.99 -11.40 -5.15
C ALA A 210 10.17 -11.81 -6.35
N LEU A 211 8.93 -12.19 -6.10
CA LEU A 211 8.01 -12.72 -7.10
C LEU A 211 6.75 -11.84 -7.26
N PRO A 212 6.12 -11.86 -8.43
CA PRO A 212 4.96 -11.00 -8.64
C PRO A 212 3.72 -11.39 -7.84
N PRO A 213 2.83 -10.41 -7.62
CA PRO A 213 1.54 -10.66 -6.97
C PRO A 213 0.46 -10.92 -7.99
N TYR A 214 -0.47 -11.81 -7.65
CA TYR A 214 -1.59 -12.13 -8.54
C TYR A 214 -2.94 -12.06 -7.80
N ASP A 215 -3.29 -10.84 -7.35
CA ASP A 215 -4.55 -10.59 -6.69
C ASP A 215 -5.67 -10.77 -7.70
N ALA A 216 -6.67 -11.58 -7.37
CA ALA A 216 -7.83 -11.78 -8.23
C ALA A 216 -8.76 -10.55 -8.20
N ILE A 217 -9.12 -10.06 -9.39
CA ILE A 217 -9.90 -8.85 -9.56
C ILE A 217 -11.02 -9.09 -10.55
N ILE A 218 -12.20 -8.59 -10.25
CA ILE A 218 -13.24 -8.57 -11.28
C ILE A 218 -13.05 -7.33 -12.14
N ILE A 219 -12.83 -7.51 -13.44
CA ILE A 219 -12.70 -6.39 -14.37
C ILE A 219 -13.87 -6.36 -15.35
N VAL A 220 -14.27 -5.16 -15.72
CA VAL A 220 -15.56 -4.92 -16.37
C VAL A 220 -15.37 -3.97 -17.53
N ASN A 221 -16.10 -4.22 -18.61
CA ASN A 221 -16.16 -3.33 -19.77
C ASN A 221 -16.53 -1.94 -19.26
N GLY A 222 -15.93 -0.91 -19.87
CA GLY A 222 -16.07 0.47 -19.44
C GLY A 222 -17.48 0.97 -19.37
N ASN A 223 -18.26 0.68 -20.40
CA ASN A 223 -19.66 1.09 -20.40
C ASN A 223 -20.52 0.27 -19.44
N THR A 224 -20.28 -1.04 -19.39
CA THR A 224 -20.97 -1.87 -18.42
C THR A 224 -20.79 -1.33 -17.00
N ALA A 225 -19.59 -0.84 -16.73
CA ALA A 225 -19.22 -0.38 -15.41
C ALA A 225 -19.94 0.93 -14.97
N LYS A 226 -20.64 1.58 -15.91
CA LYS A 226 -21.34 2.81 -15.57
C LYS A 226 -22.74 2.51 -15.06
N ASP A 227 -23.12 1.25 -15.09
CA ASP A 227 -24.34 0.75 -14.46
C ASP A 227 -24.06 0.51 -12.97
N GLU A 228 -24.53 1.44 -12.15
CA GLU A 228 -24.13 1.45 -10.74
C GLU A 228 -24.82 0.32 -9.98
N LYS A 229 -26.02 -0.07 -10.41
CA LYS A 229 -26.70 -1.21 -9.84
C LYS A 229 -25.88 -2.48 -10.00
N LEU A 230 -25.38 -2.70 -11.21
CA LEU A 230 -24.54 -3.88 -11.50
C LEU A 230 -23.24 -3.84 -10.72
N ILE A 231 -22.57 -2.70 -10.69
CA ILE A 231 -21.35 -2.56 -9.92
C ILE A 231 -21.60 -2.87 -8.44
N SER A 232 -22.72 -2.40 -7.89
CA SER A 232 -23.02 -2.65 -6.48
C SER A 232 -23.18 -4.12 -6.18
N VAL A 233 -23.76 -4.89 -7.12
CA VAL A 233 -23.88 -6.32 -6.95
C VAL A 233 -22.49 -6.96 -6.92
N LEU A 234 -21.64 -6.59 -7.86
CA LEU A 234 -20.27 -7.15 -7.91
C LEU A 234 -19.50 -6.85 -6.61
N LYS A 235 -19.73 -5.67 -6.01
CA LYS A 235 -19.02 -5.30 -4.79
C LYS A 235 -19.43 -6.09 -3.55
N LEU A 236 -20.52 -6.83 -3.66
CA LEU A 236 -20.89 -7.80 -2.63
C LEU A 236 -19.84 -8.90 -2.45
N LEU A 237 -19.01 -9.15 -3.47
CA LEU A 237 -17.92 -10.12 -3.36
C LEU A 237 -16.58 -9.51 -2.94
N GLU A 238 -16.56 -8.20 -2.74
CA GLU A 238 -15.32 -7.55 -2.37
C GLU A 238 -14.73 -8.15 -1.09
N ASP A 239 -13.50 -8.63 -1.20
CA ASP A 239 -12.76 -9.20 -0.07
C ASP A 239 -13.50 -10.38 0.55
N ARG A 240 -14.37 -11.04 -0.19
CA ARG A 240 -15.13 -12.13 0.36
C ARG A 240 -14.45 -13.50 0.33
N ILE A 241 -13.44 -13.67 -0.50
CA ILE A 241 -12.86 -14.99 -0.69
C ILE A 241 -11.36 -14.88 -0.48
N ASP A 242 -10.86 -15.40 0.65
CA ASP A 242 -9.42 -15.37 0.89
C ASP A 242 -8.76 -16.58 0.24
N THR A 243 -7.43 -16.66 0.29
CA THR A 243 -6.68 -17.68 -0.45
C THR A 243 -6.98 -19.10 0.03
N ASP A 244 -7.10 -19.24 1.35
CA ASP A 244 -7.43 -20.52 1.99
C ASP A 244 -8.80 -21.03 1.51
N THR A 245 -9.74 -20.12 1.45
CA THR A 245 -11.12 -20.43 0.96
C THR A 245 -11.12 -20.83 -0.52
N MET A 246 -10.48 -20.03 -1.36
CA MET A 246 -10.39 -20.33 -2.78
C MET A 246 -9.75 -21.71 -3.01
N ARG A 247 -8.69 -22.00 -2.29
CA ARG A 247 -8.02 -23.28 -2.43
C ARG A 247 -8.98 -24.41 -2.06
N ALA A 248 -9.76 -24.19 -1.01
CA ALA A 248 -10.71 -25.22 -0.56
C ALA A 248 -11.83 -25.43 -1.59
N LEU A 249 -12.28 -24.35 -2.23
CA LEU A 249 -13.26 -24.45 -3.31
C LEU A 249 -12.65 -25.21 -4.51
N ASN A 250 -11.37 -24.95 -4.84
CA ASN A 250 -10.71 -25.66 -5.93
C ASN A 250 -10.58 -27.17 -5.63
N TYR A 251 -10.40 -27.48 -4.35
CA TYR A 251 -10.32 -28.88 -3.87
C TYR A 251 -11.62 -29.63 -4.11
N GLN A 252 -12.72 -28.95 -3.86
CA GLN A 252 -14.04 -29.47 -4.15
C GLN A 252 -14.20 -29.87 -5.61
N TYR A 253 -13.68 -29.04 -6.51
CA TYR A 253 -13.71 -29.30 -7.92
C TYR A 253 -12.75 -30.45 -8.30
N ASP A 254 -11.50 -30.35 -7.87
CA ASP A 254 -10.43 -31.22 -8.39
C ASP A 254 -10.40 -32.61 -7.75
N VAL A 255 -10.66 -32.65 -6.45
CA VAL A 255 -10.57 -33.87 -5.65
C VAL A 255 -11.96 -34.49 -5.44
N GLU A 256 -12.95 -33.67 -5.05
CA GLU A 256 -14.29 -34.18 -4.75
C GLU A 256 -15.17 -34.30 -5.97
N LYS A 257 -14.69 -33.79 -7.11
CA LYS A 257 -15.37 -33.90 -8.39
C LYS A 257 -16.75 -33.23 -8.40
N LYS A 258 -16.93 -32.17 -7.61
CA LYS A 258 -18.15 -31.40 -7.58
C LYS A 258 -18.15 -30.42 -8.73
N ASP A 259 -19.34 -30.12 -9.22
CA ASP A 259 -19.43 -29.25 -10.37
C ASP A 259 -19.29 -27.79 -9.94
N ALA A 260 -18.77 -26.98 -10.85
CA ALA A 260 -18.44 -25.58 -10.56
C ALA A 260 -19.66 -24.83 -10.02
N ARG A 261 -20.81 -25.01 -10.67
CA ARG A 261 -21.99 -24.28 -10.24
C ARG A 261 -22.43 -24.65 -8.83
N GLU A 262 -22.37 -25.93 -8.47
CA GLU A 262 -22.82 -26.35 -7.15
C GLU A 262 -21.84 -25.91 -6.08
N ILE A 263 -20.54 -25.87 -6.41
CA ILE A 263 -19.55 -25.30 -5.48
C ILE A 263 -19.86 -23.82 -5.17
N ALA A 264 -20.09 -23.07 -6.24
CA ALA A 264 -20.36 -21.66 -6.17
C ALA A 264 -21.65 -21.40 -5.36
N MET A 265 -22.68 -22.19 -5.63
CA MET A 265 -24.00 -22.01 -5.03
C MET A 265 -23.95 -22.24 -3.54
N SER A 266 -23.24 -23.30 -3.14
CA SER A 266 -23.11 -23.64 -1.73
C SER A 266 -22.45 -22.54 -0.98
N PHE A 267 -21.39 -21.98 -1.57
CA PHE A 267 -20.68 -20.88 -0.93
C PHE A 267 -21.59 -19.66 -0.73
N LEU A 268 -22.28 -19.24 -1.77
CA LEU A 268 -23.14 -18.05 -1.68
C LEU A 268 -24.28 -18.26 -0.67
N LYS A 269 -24.83 -19.47 -0.63
CA LYS A 269 -25.92 -19.78 0.30
C LYS A 269 -25.45 -19.72 1.76
N GLU A 270 -24.28 -20.30 2.04
CA GLU A 270 -23.66 -20.24 3.36
C GLU A 270 -23.39 -18.82 3.82
N GLN A 271 -23.02 -17.94 2.87
CA GLN A 271 -22.69 -16.54 3.16
C GLN A 271 -23.95 -15.66 3.30
N GLY A 272 -25.10 -16.19 2.88
CA GLY A 272 -26.34 -15.46 2.87
C GLY A 272 -26.53 -14.49 1.73
N LEU A 273 -25.76 -14.66 0.65
CA LEU A 273 -25.84 -13.80 -0.52
C LEU A 273 -26.94 -14.26 -1.45
N VAL A 274 -27.33 -15.52 -1.30
CA VAL A 274 -28.42 -16.08 -2.04
C VAL A 274 -29.33 -16.94 -1.17
N LYS A 275 -30.64 -16.82 -1.41
CA LYS A 275 -31.70 -17.79 -1.09
C LYS A 275 -32.89 -17.14 -0.38
N GLU B 6 38.27 12.99 -7.24
CA GLU B 6 38.74 11.98 -8.21
C GLU B 6 38.33 12.45 -9.62
N ARG B 7 39.28 12.39 -10.55
CA ARG B 7 39.02 12.61 -11.99
C ARG B 7 37.58 12.23 -12.40
N VAL B 8 36.78 13.25 -12.64
CA VAL B 8 35.37 13.05 -13.00
C VAL B 8 35.27 13.24 -14.51
N VAL B 9 34.83 12.19 -15.22
CA VAL B 9 34.71 12.16 -16.67
C VAL B 9 33.24 12.38 -17.02
N ILE B 10 32.97 13.40 -17.82
CA ILE B 10 31.61 13.82 -18.16
C ILE B 10 31.39 13.50 -19.63
N GLY B 11 30.33 12.76 -19.91
CA GLY B 11 29.95 12.41 -21.27
C GLY B 11 29.08 13.49 -21.91
N SER B 12 28.82 13.31 -23.20
CA SER B 12 27.92 14.18 -23.94
C SER B 12 27.53 13.58 -25.29
N LYS B 13 26.34 13.94 -25.73
CA LYS B 13 25.87 13.63 -27.06
C LYS B 13 26.41 14.68 -28.04
N PRO B 14 26.47 14.34 -29.33
CA PRO B 14 27.13 15.21 -30.31
C PRO B 14 26.31 16.38 -30.84
N PHE B 15 26.04 17.35 -29.98
CA PHE B 15 25.45 18.61 -30.42
C PHE B 15 25.66 19.74 -29.42
N ASN B 16 25.55 20.96 -29.95
CA ASN B 16 25.67 22.22 -29.23
C ASN B 16 25.36 22.25 -27.73
N GLU B 17 24.10 22.02 -27.37
CA GLU B 17 23.61 22.07 -26.01
C GLU B 17 24.37 21.11 -25.08
N GLN B 18 24.69 19.94 -25.56
CA GLN B 18 25.46 18.97 -24.77
C GLN B 18 26.90 19.39 -24.59
N TYR B 19 27.49 19.98 -25.63
CA TYR B 19 28.87 20.48 -25.51
C TYR B 19 28.90 21.59 -24.47
N ILE B 20 27.93 22.49 -24.51
CA ILE B 20 27.89 23.61 -23.57
C ILE B 20 27.73 23.09 -22.12
N LEU B 21 26.77 22.21 -21.91
CA LEU B 21 26.43 21.73 -20.56
C LEU B 21 27.52 20.86 -19.95
N ALA B 22 28.11 20.01 -20.74
CA ALA B 22 29.17 19.15 -20.23
C ALA B 22 30.37 20.00 -19.81
N ASN B 23 30.74 20.98 -20.62
CA ASN B 23 31.76 21.92 -20.22
C ASN B 23 31.39 22.76 -18.99
N MET B 24 30.15 23.19 -18.90
CA MET B 24 29.68 23.90 -17.72
C MET B 24 29.82 23.09 -16.42
N ILE B 25 29.44 21.82 -16.48
CA ILE B 25 29.58 20.97 -15.30
C ILE B 25 31.08 20.81 -14.97
N ALA B 26 31.90 20.50 -15.97
CA ALA B 26 33.35 20.37 -15.75
C ALA B 26 33.95 21.61 -15.06
N ILE B 27 33.61 22.79 -15.53
CA ILE B 27 34.14 24.04 -14.98
C ILE B 27 33.68 24.26 -13.55
N LEU B 28 32.40 23.99 -13.31
CA LEU B 28 31.84 24.14 -11.98
C LEU B 28 32.51 23.18 -11.00
N LEU B 29 32.74 21.94 -11.42
CA LEU B 29 33.39 20.98 -10.54
C LEU B 29 34.83 21.39 -10.25
N GLU B 30 35.55 21.91 -11.27
CA GLU B 30 36.95 22.36 -11.07
C GLU B 30 36.99 23.58 -10.15
N GLU B 31 35.98 24.42 -10.22
CA GLU B 31 35.90 25.59 -9.34
C GLU B 31 35.78 25.13 -7.88
N ASN B 32 35.17 23.96 -7.68
CA ASN B 32 34.94 23.37 -6.38
C ASN B 32 35.86 22.23 -5.98
N GLY B 33 37.05 22.17 -6.56
CA GLY B 33 38.12 21.32 -6.08
C GLY B 33 38.35 20.02 -6.83
N TYR B 34 37.49 19.70 -7.82
CA TYR B 34 37.65 18.48 -8.61
C TYR B 34 38.53 18.67 -9.82
N LYS B 35 39.01 17.56 -10.35
CA LYS B 35 39.56 17.51 -11.67
C LYS B 35 38.49 16.88 -12.55
N ALA B 36 38.19 17.53 -13.67
CA ALA B 36 37.17 17.05 -14.62
C ALA B 36 37.71 16.97 -16.05
N GLU B 37 37.09 16.10 -16.84
CA GLU B 37 37.43 15.85 -18.24
C GLU B 37 36.11 15.65 -18.99
N VAL B 38 35.93 16.37 -20.10
CA VAL B 38 34.75 16.19 -20.96
C VAL B 38 35.09 15.32 -22.17
N LYS B 39 34.21 14.37 -22.45
CA LYS B 39 34.30 13.54 -23.63
C LYS B 39 33.21 14.07 -24.56
N GLU B 40 33.55 15.10 -25.35
CA GLU B 40 32.54 15.78 -26.18
C GLU B 40 32.11 14.89 -27.34
N GLY B 41 30.81 14.79 -27.54
CA GLY B 41 30.29 13.93 -28.57
C GLY B 41 30.73 12.48 -28.42
N LEU B 42 30.72 11.97 -27.19
CA LEU B 42 31.07 10.58 -26.93
C LEU B 42 30.26 9.63 -27.81
N GLY B 43 28.96 9.91 -27.89
CA GLY B 43 28.06 9.13 -28.74
C GLY B 43 26.64 9.50 -28.41
N GLY B 44 25.70 8.65 -28.79
CA GLY B 44 24.30 8.90 -28.54
C GLY B 44 23.88 8.52 -27.12
N THR B 45 22.56 8.39 -26.95
CA THR B 45 21.97 8.07 -25.68
C THR B 45 22.56 6.83 -25.04
N LEU B 46 22.64 5.72 -25.78
CA LEU B 46 23.04 4.44 -25.17
C LEU B 46 24.52 4.32 -25.04
N VAL B 47 25.28 4.92 -25.95
CA VAL B 47 26.73 5.02 -25.76
C VAL B 47 27.04 5.63 -24.40
N ASN B 48 26.45 6.80 -24.12
CA ASN B 48 26.63 7.50 -22.85
C ASN B 48 26.10 6.72 -21.63
N TYR B 49 24.88 6.18 -21.73
CA TYR B 49 24.26 5.47 -20.62
C TYR B 49 25.04 4.20 -20.29
N GLU B 50 25.44 3.45 -21.30
CA GLU B 50 26.24 2.25 -21.04
C GLU B 50 27.61 2.59 -20.45
N ALA B 51 28.20 3.69 -20.90
CA ALA B 51 29.48 4.16 -20.33
C ALA B 51 29.29 4.60 -18.90
N LEU B 52 28.16 5.22 -18.61
CA LEU B 52 27.86 5.63 -17.24
C LEU B 52 27.77 4.38 -16.30
N LYS B 53 27.03 3.36 -16.73
CA LYS B 53 26.85 2.13 -15.94
C LYS B 53 28.19 1.44 -15.68
N ARG B 54 29.05 1.47 -16.67
CA ARG B 54 30.38 0.86 -16.56
C ARG B 54 31.39 1.69 -15.78
N ASN B 55 31.03 2.92 -15.40
CA ASN B 55 31.96 3.84 -14.77
C ASN B 55 33.12 4.32 -15.66
N ASP B 56 32.95 4.21 -16.99
CA ASP B 56 33.83 4.86 -17.96
C ASP B 56 33.63 6.38 -17.99
N ILE B 57 32.38 6.78 -17.79
CA ILE B 57 32.06 8.15 -17.38
C ILE B 57 31.29 8.11 -16.07
N GLN B 58 31.25 9.26 -15.43
CA GLN B 58 30.68 9.41 -14.12
C GLN B 58 29.34 10.15 -14.11
N LEU B 59 29.10 10.96 -15.13
CA LEU B 59 27.84 11.68 -15.26
C LEU B 59 27.69 12.22 -16.68
N TYR B 60 26.44 12.51 -17.04
CA TYR B 60 26.11 13.26 -18.25
C TYR B 60 24.69 13.86 -18.14
N VAL B 61 24.33 14.67 -19.11
CA VAL B 61 23.01 15.25 -19.20
C VAL B 61 22.14 14.42 -20.13
N GLU B 62 21.06 13.88 -19.55
CA GLU B 62 20.04 13.12 -20.26
C GLU B 62 18.71 13.88 -20.25
N TYR B 63 17.73 13.38 -21.00
CA TYR B 63 16.39 13.97 -21.05
C TYR B 63 15.35 12.96 -20.58
N THR B 64 14.34 13.41 -19.85
CA THR B 64 13.41 12.45 -19.23
C THR B 64 12.72 11.55 -20.25
N GLY B 65 12.14 12.12 -21.31
CA GLY B 65 11.50 11.32 -22.34
C GLY B 65 12.38 10.28 -22.97
N THR B 66 13.64 10.64 -23.21
CA THR B 66 14.59 9.76 -23.80
C THR B 66 14.90 8.59 -22.84
N ALA B 67 15.15 8.93 -21.57
CA ALA B 67 15.38 7.90 -20.55
C ALA B 67 14.19 6.96 -20.44
N TYR B 68 12.99 7.53 -20.49
CA TYR B 68 11.78 6.73 -20.39
C TYR B 68 11.66 5.74 -21.55
N ASN B 69 11.84 6.26 -22.75
CA ASN B 69 11.58 5.53 -23.99
C ASN B 69 12.75 4.62 -24.39
N VAL B 70 13.97 5.15 -24.30
CA VAL B 70 15.12 4.54 -24.93
C VAL B 70 15.92 3.73 -23.95
N ILE B 71 16.14 4.26 -22.74
CA ILE B 71 16.99 3.59 -21.79
C ILE B 71 16.16 2.55 -21.03
N LEU B 72 15.03 2.98 -20.50
CA LEU B 72 14.19 2.12 -19.65
C LEU B 72 13.22 1.27 -20.46
N ARG B 73 12.95 1.67 -21.71
CA ARG B 73 12.03 0.99 -22.62
C ARG B 73 10.66 0.75 -22.01
N LYS B 74 10.13 1.80 -21.37
CA LYS B 74 8.83 1.71 -20.74
C LYS B 74 7.72 1.90 -21.74
N GLN B 75 6.54 1.39 -21.39
CA GLN B 75 5.36 1.56 -22.25
C GLN B 75 4.88 3.00 -22.23
N PRO B 76 4.58 3.54 -23.41
CA PRO B 76 4.10 4.91 -23.54
C PRO B 76 2.71 5.08 -22.97
N PRO B 77 2.47 6.12 -22.19
CA PRO B 77 1.13 6.43 -21.69
C PRO B 77 0.25 7.00 -22.80
N GLU B 78 -1.06 7.07 -22.56
CA GLU B 78 -1.98 7.63 -23.55
C GLU B 78 -1.75 9.12 -23.71
N LEU B 79 -1.58 9.78 -22.57
CA LEU B 79 -1.21 11.17 -22.50
C LEU B 79 0.08 11.26 -21.67
N TRP B 80 0.95 12.14 -22.12
CA TRP B 80 2.25 12.34 -21.48
C TRP B 80 2.19 13.42 -20.42
N ASP B 81 2.35 13.04 -19.18
CA ASP B 81 2.39 14.02 -18.12
C ASP B 81 3.85 14.18 -17.70
N GLN B 82 4.33 15.41 -17.68
CA GLN B 82 5.73 15.75 -17.38
C GLN B 82 6.18 15.20 -16.02
N GLN B 83 5.34 15.39 -15.00
CA GLN B 83 5.71 15.04 -13.63
C GLN B 83 5.73 13.55 -13.42
N TYR B 84 4.79 12.83 -14.05
CA TYR B 84 4.75 11.38 -14.07
C TYR B 84 6.00 10.78 -14.70
N ILE B 85 6.35 11.29 -15.89
CA ILE B 85 7.49 10.75 -16.60
C ILE B 85 8.74 11.01 -15.77
N PHE B 86 8.89 12.20 -15.22
CA PHE B 86 10.06 12.53 -14.39
C PHE B 86 10.23 11.52 -13.25
N ASP B 87 9.15 11.24 -12.54
CA ASP B 87 9.17 10.35 -11.40
C ASP B 87 9.48 8.91 -11.83
N GLU B 88 8.90 8.46 -12.93
CA GLU B 88 9.14 7.11 -13.40
C GLU B 88 10.63 6.90 -13.81
N VAL B 89 11.22 7.93 -14.40
CA VAL B 89 12.61 7.89 -14.81
C VAL B 89 13.51 7.91 -13.58
N LYS B 90 13.18 8.77 -12.60
CA LYS B 90 14.01 8.89 -11.40
C LYS B 90 14.05 7.54 -10.66
N LYS B 91 12.87 6.94 -10.46
CA LYS B 91 12.75 5.63 -9.84
C LYS B 91 13.37 4.53 -10.68
N GLY B 92 13.10 4.55 -11.98
CA GLY B 92 13.52 3.51 -12.89
C GLY B 92 15.02 3.40 -13.04
N LEU B 93 15.68 4.54 -13.20
CA LEU B 93 17.14 4.55 -13.29
C LEU B 93 17.80 4.07 -12.01
N LEU B 94 17.25 4.46 -10.86
CA LEU B 94 17.81 4.07 -9.59
C LEU B 94 17.66 2.56 -9.40
N GLU B 95 16.47 2.05 -9.71
CA GLU B 95 16.16 0.65 -9.40
C GLU B 95 16.93 -0.29 -10.33
N ALA B 96 17.09 0.12 -11.59
CA ALA B 96 17.74 -0.70 -12.61
C ALA B 96 19.24 -0.72 -12.43
N ASP B 97 19.85 0.44 -12.22
CA ASP B 97 21.31 0.57 -12.32
C ASP B 97 21.98 1.40 -11.22
N GLY B 98 21.23 1.81 -10.21
CA GLY B 98 21.72 2.69 -9.17
C GLY B 98 22.09 4.09 -9.65
N VAL B 99 21.59 4.47 -10.82
CA VAL B 99 21.87 5.79 -11.39
C VAL B 99 20.98 6.83 -10.70
N VAL B 100 21.56 7.96 -10.33
CA VAL B 100 20.90 8.98 -9.54
C VAL B 100 20.66 10.24 -10.40
N VAL B 101 19.45 10.77 -10.35
CA VAL B 101 19.16 12.08 -10.89
C VAL B 101 19.60 13.16 -9.91
N ALA B 102 20.76 13.78 -10.17
CA ALA B 102 21.37 14.79 -9.30
C ALA B 102 20.65 16.13 -9.29
N ALA B 103 20.14 16.51 -10.47
CA ALA B 103 19.56 17.83 -10.66
C ALA B 103 18.72 17.91 -11.94
N LYS B 104 17.60 18.59 -11.84
CA LYS B 104 16.80 19.02 -12.99
C LYS B 104 17.33 20.40 -13.33
N LEU B 105 17.83 20.58 -14.55
CA LEU B 105 18.42 21.86 -14.94
C LEU B 105 17.46 23.04 -15.08
N GLY B 106 16.21 22.76 -15.47
CA GLY B 106 15.20 23.79 -15.55
C GLY B 106 14.56 23.98 -16.89
N PHE B 107 15.07 23.29 -17.92
CA PHE B 107 14.55 23.39 -19.27
C PHE B 107 14.14 22.06 -19.85
N ARG B 108 13.33 22.15 -20.93
CA ARG B 108 12.95 21.01 -21.73
C ARG B 108 13.41 21.22 -23.17
N ASP B 109 13.90 20.16 -23.81
CA ASP B 109 14.27 20.20 -25.23
C ASP B 109 13.31 19.26 -25.95
N ASP B 110 12.06 19.71 -26.07
CA ASP B 110 10.96 18.93 -26.61
C ASP B 110 10.81 19.15 -28.10
N TYR B 111 10.26 18.15 -28.78
CA TYR B 111 9.67 18.39 -30.07
C TYR B 111 8.29 19.04 -29.81
N ALA B 112 8.10 20.22 -30.37
CA ALA B 112 6.94 21.04 -30.08
C ALA B 112 6.45 21.74 -31.32
N LEU B 113 5.29 22.37 -31.22
CA LEU B 113 4.79 23.18 -32.31
C LEU B 113 5.25 24.62 -32.11
N ALA B 114 5.66 25.23 -33.22
CA ALA B 114 6.10 26.59 -33.28
C ALA B 114 5.31 27.38 -34.33
N VAL B 115 5.00 28.61 -33.98
CA VAL B 115 4.38 29.57 -34.85
C VAL B 115 5.18 30.88 -34.86
N ARG B 116 4.84 31.79 -35.78
CA ARG B 116 5.47 33.10 -35.79
C ARG B 116 5.07 33.89 -34.53
N ALA B 117 6.03 34.51 -33.88
CA ALA B 117 5.82 35.12 -32.55
C ALA B 117 4.85 36.32 -32.54
N ASP B 118 4.94 37.19 -33.55
CA ASP B 118 4.05 38.34 -33.65
C ASP B 118 2.60 37.91 -33.82
N TRP B 119 2.36 36.84 -34.59
CA TRP B 119 1.01 36.32 -34.77
C TRP B 119 0.47 35.70 -33.46
N ALA B 120 1.32 34.96 -32.75
CA ALA B 120 0.94 34.36 -31.47
C ALA B 120 0.57 35.42 -30.43
N GLU B 121 1.37 36.48 -30.37
CA GLU B 121 1.18 37.55 -29.38
C GLU B 121 -0.11 38.32 -29.65
N GLU B 122 -0.38 38.63 -30.92
CA GLU B 122 -1.57 39.36 -31.31
C GLU B 122 -2.83 38.60 -30.93
N ASN B 123 -2.76 37.27 -31.04
CA ASN B 123 -3.93 36.40 -30.90
C ASN B 123 -3.97 35.64 -29.57
N GLY B 124 -3.08 36.00 -28.64
CA GLY B 124 -3.03 35.38 -27.31
C GLY B 124 -2.73 33.87 -27.33
N VAL B 125 -1.97 33.40 -28.31
CA VAL B 125 -1.67 31.98 -28.44
C VAL B 125 -0.42 31.61 -27.67
N GLU B 126 -0.58 30.70 -26.71
CA GLU B 126 0.50 30.19 -25.86
C GLU B 126 0.65 28.66 -25.82
N LYS B 127 -0.42 27.95 -26.12
CA LYS B 127 -0.44 26.49 -26.01
C LYS B 127 -1.16 25.86 -27.20
N ILE B 128 -0.97 24.56 -27.43
CA ILE B 128 -1.50 23.97 -28.64
C ILE B 128 -3.05 24.07 -28.70
N SER B 129 -3.73 24.06 -27.54
CA SER B 129 -5.20 24.10 -27.55
C SER B 129 -5.72 25.46 -28.00
N ASP B 130 -4.91 26.50 -27.81
CA ASP B 130 -5.21 27.83 -28.35
C ASP B 130 -5.33 27.85 -29.90
N LEU B 131 -4.72 26.87 -30.61
CA LEU B 131 -4.77 26.78 -32.07
C LEU B 131 -6.11 26.32 -32.65
N ALA B 132 -6.94 25.65 -31.85
CA ALA B 132 -8.19 25.05 -32.36
C ALA B 132 -9.07 26.11 -33.03
N GLU B 133 -9.21 27.27 -32.39
CA GLU B 133 -9.87 28.43 -33.00
C GLU B 133 -9.44 28.71 -34.42
N PHE B 134 -8.13 28.61 -34.67
CA PHE B 134 -7.51 29.08 -35.91
C PHE B 134 -7.05 27.95 -36.84
N ALA B 135 -7.14 26.70 -36.39
CA ALA B 135 -6.47 25.60 -37.08
C ALA B 135 -6.95 25.43 -38.50
N ASP B 136 -8.23 25.69 -38.74
CA ASP B 136 -8.78 25.58 -40.08
C ASP B 136 -8.40 26.75 -41.00
N GLN B 137 -7.62 27.72 -40.51
CA GLN B 137 -7.08 28.81 -41.32
C GLN B 137 -5.57 28.66 -41.48
N LEU B 138 -4.96 27.74 -40.76
CA LEU B 138 -3.49 27.63 -40.69
C LEU B 138 -2.94 26.47 -41.52
N VAL B 139 -1.79 26.72 -42.11
CA VAL B 139 -1.05 25.75 -42.87
C VAL B 139 0.03 25.12 -41.98
N PHE B 140 0.00 23.79 -41.89
CA PHE B 140 1.00 23.02 -41.15
C PHE B 140 2.08 22.49 -42.09
N GLY B 141 3.35 22.72 -41.75
CA GLY B 141 4.46 22.17 -42.51
C GLY B 141 5.13 21.05 -41.76
N SER B 142 5.38 19.94 -42.44
CA SER B 142 5.82 18.71 -41.80
C SER B 142 6.69 17.86 -42.70
N ASP B 143 7.69 17.18 -42.16
CA ASP B 143 8.27 16.02 -42.86
C ASP B 143 7.18 14.94 -43.04
N PRO B 144 7.36 14.02 -43.97
CA PRO B 144 6.33 12.99 -44.18
C PRO B 144 6.19 12.02 -43.00
N GLU B 145 7.29 11.74 -42.29
CA GLU B 145 7.27 10.79 -41.15
C GLU B 145 6.43 11.31 -39.99
N PHE B 146 6.64 12.58 -39.64
CA PHE B 146 5.85 13.21 -38.59
C PHE B 146 4.37 13.28 -38.96
N ALA B 147 4.07 13.46 -40.23
CA ALA B 147 2.68 13.63 -40.70
C ALA B 147 1.90 12.32 -40.71
N SER B 148 2.60 11.21 -40.87
CA SER B 148 1.96 9.93 -41.14
C SER B 148 2.03 8.98 -39.94
N ARG B 149 3.09 9.06 -39.15
CA ARG B 149 3.29 8.10 -38.06
C ARG B 149 2.26 8.34 -36.93
N PRO B 150 1.74 7.27 -36.32
CA PRO B 150 0.64 7.41 -35.37
C PRO B 150 0.91 8.32 -34.14
N ASP B 151 2.16 8.44 -33.68
CA ASP B 151 2.48 9.24 -32.50
C ASP B 151 2.87 10.69 -32.84
N GLY B 152 2.72 11.07 -34.11
CA GLY B 152 3.06 12.42 -34.54
C GLY B 152 1.85 13.29 -34.71
N LEU B 153 1.73 13.90 -35.89
CA LEU B 153 0.58 14.75 -36.21
C LEU B 153 -0.76 14.06 -35.94
N PRO B 154 -0.92 12.78 -36.30
CA PRO B 154 -2.18 12.08 -35.99
C PRO B 154 -2.50 12.03 -34.48
N GLN B 155 -1.50 11.89 -33.63
CA GLN B 155 -1.71 11.97 -32.17
C GLN B 155 -2.14 13.37 -31.75
N ILE B 156 -1.51 14.41 -32.30
CA ILE B 156 -1.92 15.77 -31.95
C ILE B 156 -3.38 16.02 -32.32
N LYS B 157 -3.75 15.60 -33.53
CA LYS B 157 -5.10 15.79 -34.03
C LYS B 157 -6.12 15.10 -33.12
N LYS B 158 -5.78 13.89 -32.69
CA LYS B 158 -6.65 13.01 -31.91
C LYS B 158 -6.79 13.59 -30.50
N VAL B 159 -5.67 14.02 -29.93
CA VAL B 159 -5.67 14.56 -28.58
C VAL B 159 -6.33 15.92 -28.46
N TYR B 160 -6.04 16.84 -29.37
CA TYR B 160 -6.56 18.21 -29.29
C TYR B 160 -7.88 18.41 -30.06
N GLY B 161 -8.22 17.49 -30.95
CA GLY B 161 -9.52 17.50 -31.62
C GLY B 161 -9.72 18.44 -32.80
N PHE B 162 -8.66 18.81 -33.49
CA PHE B 162 -8.78 19.72 -34.63
C PHE B 162 -7.93 19.22 -35.77
N GLU B 163 -8.09 19.84 -36.93
CA GLU B 163 -7.26 19.56 -38.09
C GLU B 163 -6.91 20.87 -38.78
N PHE B 164 -5.78 20.88 -39.49
CA PHE B 164 -5.29 22.08 -40.14
C PHE B 164 -5.95 22.27 -41.52
N LYS B 165 -5.88 23.49 -42.05
CA LYS B 165 -6.39 23.81 -43.39
C LYS B 165 -5.71 22.93 -44.46
N GLU B 166 -4.40 22.78 -44.28
CA GLU B 166 -3.55 22.17 -45.30
C GLU B 166 -2.36 21.64 -44.55
N VAL B 167 -1.83 20.55 -45.05
CA VAL B 167 -0.58 20.03 -44.56
C VAL B 167 0.33 19.98 -45.77
N LYS B 168 1.43 20.72 -45.69
CA LYS B 168 2.45 20.80 -46.72
C LYS B 168 3.65 19.98 -46.27
N GLN B 169 4.05 18.98 -47.05
CA GLN B 169 5.17 18.12 -46.70
C GLN B 169 6.47 18.74 -47.22
N MET B 170 7.48 18.75 -46.37
CA MET B 170 8.79 19.31 -46.70
C MET B 170 9.85 18.73 -45.77
N GLU B 171 11.09 18.67 -46.24
CA GLU B 171 12.18 18.18 -45.40
C GLU B 171 12.62 19.31 -44.44
N PRO B 172 13.41 18.98 -43.42
CA PRO B 172 13.80 19.98 -42.41
C PRO B 172 14.86 21.04 -42.79
N THR B 173 15.76 20.79 -43.73
CA THR B 173 16.85 21.75 -43.98
C THR B 173 16.31 23.20 -44.16
N LEU B 174 15.21 23.37 -44.92
CA LEU B 174 14.67 24.71 -45.21
C LEU B 174 13.30 25.02 -44.57
N MET B 175 12.91 24.26 -43.55
CA MET B 175 11.63 24.48 -42.88
C MET B 175 11.49 25.81 -42.13
N TYR B 176 12.57 26.26 -41.50
CA TYR B 176 12.49 27.51 -40.74
C TYR B 176 12.33 28.65 -41.72
N GLU B 177 13.01 28.55 -42.88
CA GLU B 177 12.83 29.54 -43.94
C GLU B 177 11.38 29.53 -44.46
N ALA B 178 10.77 28.36 -44.52
CA ALA B 178 9.39 28.23 -44.98
C ALA B 178 8.39 28.99 -44.06
N ILE B 179 8.59 28.89 -42.74
CA ILE B 179 7.68 29.58 -41.80
C ILE B 179 7.97 31.08 -41.79
N LYS B 180 9.24 31.47 -41.88
CA LYS B 180 9.60 32.88 -42.02
C LYS B 180 9.05 33.49 -43.32
N ASN B 181 9.05 32.69 -44.40
CA ASN B 181 8.58 33.10 -45.71
C ASN B 181 7.06 33.03 -45.85
N LYS B 182 6.38 32.53 -44.81
CA LYS B 182 4.92 32.44 -44.74
C LYS B 182 4.35 31.35 -45.68
N GLN B 183 5.20 30.39 -46.09
CA GLN B 183 4.76 29.20 -46.83
C GLN B 183 3.87 28.32 -45.93
N VAL B 184 4.21 28.27 -44.66
CA VAL B 184 3.46 27.55 -43.64
C VAL B 184 3.30 28.49 -42.43
N ASP B 185 2.41 28.12 -41.53
CA ASP B 185 2.16 28.90 -40.33
C ASP B 185 2.56 28.14 -39.05
N VAL B 186 2.73 26.83 -39.16
CA VAL B 186 3.00 26.01 -37.99
C VAL B 186 3.98 24.94 -38.42
N ILE B 187 5.06 24.77 -37.63
CA ILE B 187 6.01 23.69 -37.88
C ILE B 187 6.31 22.98 -36.57
N PRO B 188 6.76 21.73 -36.65
CA PRO B 188 7.39 21.11 -35.48
C PRO B 188 8.81 21.66 -35.35
N ALA B 189 9.26 21.87 -34.10
CA ALA B 189 10.58 22.46 -33.82
C ALA B 189 11.07 21.93 -32.47
N TYR B 190 12.37 21.84 -32.25
CA TYR B 190 12.92 21.55 -30.92
C TYR B 190 12.88 22.86 -30.11
N THR B 191 12.42 22.79 -28.87
CA THR B 191 12.17 24.00 -28.09
C THR B 191 13.40 24.83 -27.79
N THR B 192 14.59 24.21 -27.68
CA THR B 192 15.83 24.99 -27.49
C THR B 192 16.62 25.25 -28.78
N ASP B 193 16.05 25.01 -29.95
CA ASP B 193 16.74 25.28 -31.21
C ASP B 193 16.97 26.78 -31.36
N SER B 194 18.23 27.20 -31.59
CA SER B 194 18.55 28.62 -31.75
C SER B 194 17.76 29.31 -32.86
N ARG B 195 17.34 28.54 -33.87
CA ARG B 195 16.57 29.09 -34.98
C ARG B 195 15.18 29.57 -34.53
N VAL B 196 14.67 29.05 -33.40
CA VAL B 196 13.42 29.59 -32.82
C VAL B 196 13.59 31.09 -32.42
N ASP B 197 14.76 31.44 -31.90
CA ASP B 197 15.09 32.83 -31.61
C ASP B 197 15.42 33.60 -32.91
N LEU B 198 16.24 33.01 -33.78
CA LEU B 198 16.74 33.67 -35.00
C LEU B 198 15.60 34.14 -35.89
N PHE B 199 14.62 33.25 -36.08
CA PHE B 199 13.47 33.50 -36.96
C PHE B 199 12.22 34.04 -36.22
N ASN B 200 12.39 34.42 -34.95
CA ASN B 200 11.36 35.10 -34.15
C ASN B 200 10.07 34.27 -34.09
N LEU B 201 10.22 33.04 -33.64
CA LEU B 201 9.11 32.13 -33.47
C LEU B 201 8.77 32.01 -31.98
N LYS B 202 7.60 31.46 -31.73
CA LYS B 202 7.09 31.14 -30.41
C LYS B 202 6.79 29.67 -30.30
N ILE B 203 7.42 29.03 -29.33
CA ILE B 203 7.10 27.63 -28.99
C ILE B 203 5.80 27.53 -28.19
N LEU B 204 4.92 26.58 -28.56
CA LEU B 204 3.65 26.39 -27.87
C LEU B 204 3.75 25.25 -26.87
N GLU B 205 3.08 25.44 -25.73
CA GLU B 205 2.98 24.39 -24.71
C GLU B 205 2.09 23.26 -25.20
N ASP B 206 2.55 22.04 -25.02
CA ASP B 206 1.76 20.84 -25.25
C ASP B 206 0.92 20.62 -24.02
N ASP B 207 -0.11 21.42 -23.87
CA ASP B 207 -0.84 21.50 -22.60
C ASP B 207 -1.68 20.25 -22.29
N LYS B 208 -2.02 19.44 -23.30
CA LYS B 208 -2.75 18.21 -23.06
C LYS B 208 -1.91 16.94 -23.18
N GLY B 209 -0.61 17.07 -23.38
CA GLY B 209 0.32 15.95 -23.37
C GLY B 209 0.29 14.96 -24.53
N ALA B 210 0.12 15.45 -25.75
CA ALA B 210 0.14 14.58 -26.94
C ALA B 210 1.50 14.01 -27.20
N LEU B 211 2.53 14.77 -26.85
CA LEU B 211 3.92 14.45 -27.16
C LEU B 211 4.75 14.27 -25.87
N PRO B 212 5.83 13.51 -25.92
CA PRO B 212 6.63 13.28 -24.71
C PRO B 212 7.35 14.53 -24.19
N PRO B 213 7.63 14.54 -22.90
CA PRO B 213 8.43 15.60 -22.28
C PRO B 213 9.91 15.25 -22.27
N TYR B 214 10.76 16.26 -22.38
CA TYR B 214 12.20 16.03 -22.39
C TYR B 214 12.90 17.03 -21.46
N ASP B 215 12.62 16.89 -20.17
CA ASP B 215 13.28 17.68 -19.12
C ASP B 215 14.74 17.26 -19.04
N ALA B 216 15.67 18.21 -19.12
CA ALA B 216 17.10 17.94 -18.98
C ALA B 216 17.49 17.68 -17.53
N ILE B 217 18.20 16.56 -17.33
CA ILE B 217 18.58 16.08 -16.00
C ILE B 217 20.03 15.68 -16.00
N ILE B 218 20.73 16.04 -14.93
CA ILE B 218 22.09 15.49 -14.75
C ILE B 218 21.95 14.13 -14.06
N ILE B 219 22.43 13.06 -14.71
CA ILE B 219 22.39 11.73 -14.11
C ILE B 219 23.84 11.28 -13.79
N VAL B 220 23.97 10.52 -12.71
CA VAL B 220 25.26 10.23 -12.14
C VAL B 220 25.31 8.75 -11.77
N ASN B 221 26.44 8.11 -11.99
CA ASN B 221 26.56 6.69 -11.61
C ASN B 221 26.54 6.54 -10.07
N GLY B 222 26.00 5.43 -9.58
CA GLY B 222 25.80 5.21 -8.15
C GLY B 222 27.02 5.35 -7.25
N ASN B 223 28.18 4.92 -7.74
CA ASN B 223 29.44 5.13 -7.02
C ASN B 223 29.78 6.62 -6.84
N THR B 224 29.70 7.39 -7.92
CA THR B 224 29.96 8.81 -7.86
C THR B 224 28.95 9.53 -6.99
N ALA B 225 27.72 9.08 -7.05
CA ALA B 225 26.66 9.70 -6.29
C ALA B 225 26.80 9.50 -4.77
N LYS B 226 27.67 8.61 -4.33
CA LYS B 226 28.02 8.59 -2.90
C LYS B 226 28.78 9.83 -2.43
N ASP B 227 29.32 10.61 -3.36
CA ASP B 227 30.03 11.84 -3.05
C ASP B 227 29.03 12.95 -2.85
N GLU B 228 28.62 13.18 -1.59
CA GLU B 228 27.58 14.18 -1.28
C GLU B 228 28.01 15.61 -1.58
N LYS B 229 29.30 15.91 -1.47
CA LYS B 229 29.83 17.22 -1.88
C LYS B 229 29.64 17.43 -3.38
N LEU B 230 30.00 16.43 -4.18
CA LEU B 230 29.85 16.55 -5.64
C LEU B 230 28.38 16.74 -6.04
N ILE B 231 27.49 15.99 -5.42
CA ILE B 231 26.06 16.09 -5.69
C ILE B 231 25.57 17.49 -5.34
N SER B 232 26.03 18.06 -4.23
CA SER B 232 25.62 19.43 -3.86
C SER B 232 26.18 20.44 -4.86
N VAL B 233 27.36 20.19 -5.44
CA VAL B 233 27.90 21.08 -6.49
C VAL B 233 26.97 21.04 -7.71
N LEU B 234 26.59 19.84 -8.14
CA LEU B 234 25.70 19.68 -9.31
C LEU B 234 24.36 20.40 -9.03
N LYS B 235 23.90 20.35 -7.78
CA LYS B 235 22.63 21.02 -7.42
C LYS B 235 22.65 22.53 -7.51
N LEU B 236 23.84 23.13 -7.55
CA LEU B 236 23.96 24.57 -7.85
C LEU B 236 23.31 24.93 -9.19
N LEU B 237 23.28 23.98 -10.13
CA LEU B 237 22.59 24.18 -11.42
C LEU B 237 21.09 23.88 -11.43
N GLU B 238 20.53 23.40 -10.31
CA GLU B 238 19.14 22.99 -10.28
C GLU B 238 18.22 24.16 -10.52
N ASP B 239 17.42 24.05 -11.57
CA ASP B 239 16.47 25.07 -11.97
C ASP B 239 17.14 26.39 -12.37
N ARG B 240 18.41 26.34 -12.70
CA ARG B 240 19.15 27.55 -13.07
C ARG B 240 19.04 27.93 -14.56
N ILE B 241 18.67 26.97 -15.41
CA ILE B 241 18.68 27.18 -16.85
C ILE B 241 17.29 26.88 -17.37
N ASP B 242 16.49 27.90 -17.59
CA ASP B 242 15.18 27.69 -18.20
C ASP B 242 15.28 27.56 -19.74
N THR B 243 14.16 27.30 -20.40
CA THR B 243 14.23 27.00 -21.82
C THR B 243 14.71 28.20 -22.62
N ASP B 244 14.26 29.38 -22.25
CA ASP B 244 14.72 30.60 -22.89
C ASP B 244 16.23 30.77 -22.82
N THR B 245 16.75 30.52 -21.62
CA THR B 245 18.17 30.64 -21.36
C THR B 245 18.98 29.63 -22.16
N MET B 246 18.56 28.37 -22.15
CA MET B 246 19.28 27.32 -22.88
C MET B 246 19.30 27.64 -24.38
N ARG B 247 18.15 28.02 -24.90
CA ARG B 247 18.10 28.47 -26.29
C ARG B 247 19.04 29.66 -26.62
N ALA B 248 19.15 30.64 -25.74
CA ALA B 248 20.09 31.76 -25.92
C ALA B 248 21.55 31.28 -25.90
N LEU B 249 21.87 30.28 -25.07
CA LEU B 249 23.23 29.70 -25.07
C LEU B 249 23.50 28.95 -26.39
N ASN B 250 22.53 28.18 -26.86
CA ASN B 250 22.66 27.49 -28.16
C ASN B 250 22.87 28.48 -29.31
N TYR B 251 22.20 29.64 -29.20
CA TYR B 251 22.33 30.71 -30.18
C TYR B 251 23.74 31.31 -30.19
N GLN B 252 24.36 31.40 -29.03
CA GLN B 252 25.75 31.82 -28.92
C GLN B 252 26.67 30.89 -29.70
N TYR B 253 26.36 29.60 -29.68
CA TYR B 253 27.19 28.61 -30.38
C TYR B 253 26.90 28.57 -31.88
N ASP B 254 25.61 28.50 -32.25
CA ASP B 254 25.18 28.32 -33.63
C ASP B 254 25.34 29.58 -34.50
N VAL B 255 25.03 30.73 -33.92
CA VAL B 255 24.95 31.99 -34.66
C VAL B 255 26.16 32.85 -34.41
N GLU B 256 26.48 33.05 -33.13
CA GLU B 256 27.60 33.93 -32.76
C GLU B 256 28.93 33.21 -32.89
N LYS B 257 28.91 31.90 -33.11
CA LYS B 257 30.15 31.15 -33.34
C LYS B 257 31.09 31.15 -32.14
N LYS B 258 30.53 31.24 -30.95
CA LYS B 258 31.32 31.13 -29.72
C LYS B 258 31.60 29.66 -29.34
N ASP B 259 32.78 29.42 -28.75
CA ASP B 259 33.18 28.07 -28.29
C ASP B 259 32.30 27.62 -27.15
N ALA B 260 32.00 26.31 -27.07
CA ALA B 260 31.22 25.77 -25.96
C ALA B 260 31.79 26.07 -24.59
N ARG B 261 33.11 25.98 -24.45
CA ARG B 261 33.70 26.25 -23.17
C ARG B 261 33.58 27.69 -22.76
N GLU B 262 33.73 28.62 -23.71
CA GLU B 262 33.61 30.05 -23.44
C GLU B 262 32.17 30.39 -23.04
N ILE B 263 31.21 29.82 -23.76
CA ILE B 263 29.78 30.00 -23.47
C ILE B 263 29.51 29.56 -22.04
N ALA B 264 30.00 28.36 -21.68
CA ALA B 264 29.80 27.83 -20.33
C ALA B 264 30.48 28.66 -19.24
N MET B 265 31.75 29.02 -19.45
CA MET B 265 32.48 29.84 -18.50
C MET B 265 31.76 31.19 -18.28
N SER B 266 31.37 31.86 -19.35
CA SER B 266 30.72 33.15 -19.26
C SER B 266 29.46 33.06 -18.46
N PHE B 267 28.66 32.02 -18.72
CA PHE B 267 27.41 31.85 -18.00
C PHE B 267 27.62 31.65 -16.49
N LEU B 268 28.56 30.78 -16.14
CA LEU B 268 28.84 30.51 -14.75
C LEU B 268 29.32 31.77 -14.04
N LYS B 269 30.16 32.56 -14.68
CA LYS B 269 30.61 33.84 -14.11
C LYS B 269 29.46 34.82 -13.94
N GLU B 270 28.63 34.94 -14.96
CA GLU B 270 27.43 35.80 -14.92
C GLU B 270 26.52 35.42 -13.75
N GLN B 271 26.45 34.12 -13.46
CA GLN B 271 25.60 33.58 -12.42
C GLN B 271 26.19 33.61 -11.01
N GLY B 272 27.45 34.03 -10.88
CA GLY B 272 28.14 34.12 -9.61
C GLY B 272 28.57 32.77 -9.06
N LEU B 273 28.63 31.76 -9.95
CA LEU B 273 29.06 30.42 -9.54
C LEU B 273 30.55 30.18 -9.77
N VAL B 274 31.17 31.03 -10.59
CA VAL B 274 32.62 31.03 -10.78
C VAL B 274 33.14 32.46 -10.59
N LYS B 275 34.32 32.54 -9.95
CA LYS B 275 35.00 33.79 -9.55
C LYS B 275 34.30 34.48 -8.39
N GLU C 6 -9.97 2.87 5.70
CA GLU C 6 -10.37 3.30 7.07
C GLU C 6 -9.89 4.73 7.36
N ARG C 7 -10.80 5.58 7.87
CA ARG C 7 -10.44 6.75 8.70
C ARG C 7 -9.06 6.79 9.40
N VAL C 8 -8.10 7.40 8.74
CA VAL C 8 -6.73 7.53 9.29
C VAL C 8 -6.55 8.91 9.90
N VAL C 9 -6.27 8.97 11.21
CA VAL C 9 -6.02 10.23 11.88
C VAL C 9 -4.50 10.45 12.05
N ILE C 10 -4.03 11.62 11.63
CA ILE C 10 -2.60 11.92 11.61
C ILE C 10 -2.26 13.04 12.60
N GLY C 11 -1.32 12.79 13.49
CA GLY C 11 -0.93 13.79 14.44
C GLY C 11 0.12 14.73 13.94
N SER C 12 0.37 15.77 14.72
CA SER C 12 1.46 16.66 14.43
C SER C 12 1.84 17.49 15.63
N LYS C 13 3.10 17.86 15.69
CA LYS C 13 3.59 18.84 16.64
C LYS C 13 3.34 20.28 16.09
N PRO C 14 3.29 21.30 16.95
CA PRO C 14 2.83 22.63 16.52
C PRO C 14 3.91 23.55 15.88
N PHE C 15 4.40 23.16 14.69
CA PHE C 15 5.27 24.01 13.86
C PHE C 15 5.19 23.67 12.35
N ASN C 16 5.58 24.66 11.54
CA ASN C 16 5.67 24.57 10.06
C ASN C 16 5.84 23.17 9.43
N GLU C 17 7.01 22.61 9.65
CA GLU C 17 7.41 21.35 9.04
C GLU C 17 6.42 20.22 9.34
N GLN C 18 5.91 20.20 10.56
CA GLN C 18 4.94 19.22 11.00
C GLN C 18 3.57 19.40 10.33
N TYR C 19 3.11 20.65 10.19
CA TYR C 19 1.86 20.92 9.50
C TYR C 19 1.98 20.48 8.05
N ILE C 20 3.12 20.80 7.43
CA ILE C 20 3.35 20.44 6.00
C ILE C 20 3.31 18.91 5.78
N LEU C 21 4.09 18.18 6.56
CA LEU C 21 4.22 16.74 6.40
C LEU C 21 2.95 15.97 6.76
N ALA C 22 2.25 16.43 7.80
CA ALA C 22 1.03 15.74 8.19
C ALA C 22 -0.01 15.90 7.07
N ASN C 23 -0.13 17.10 6.56
CA ASN C 23 -1.02 17.33 5.43
C ASN C 23 -0.58 16.56 4.16
N MET C 24 0.71 16.49 3.92
CA MET C 24 1.26 15.72 2.78
C MET C 24 0.81 14.26 2.87
N ILE C 25 0.93 13.66 4.07
CA ILE C 25 0.53 12.28 4.27
C ILE C 25 -0.98 12.09 4.09
N ALA C 26 -1.77 13.02 4.61
CA ALA C 26 -3.22 12.95 4.45
C ALA C 26 -3.62 12.96 2.96
N ILE C 27 -3.01 13.85 2.19
CA ILE C 27 -3.38 13.99 0.78
C ILE C 27 -3.02 12.72 0.04
N LEU C 28 -1.84 12.19 0.32
CA LEU C 28 -1.33 11.01 -0.35
C LEU C 28 -2.20 9.81 -0.03
N LEU C 29 -2.67 9.74 1.20
CA LEU C 29 -3.55 8.67 1.63
C LEU C 29 -4.92 8.81 0.94
N GLU C 30 -5.44 10.02 0.81
CA GLU C 30 -6.74 10.21 0.17
C GLU C 30 -6.64 9.86 -1.33
N GLU C 31 -5.48 10.14 -1.90
CA GLU C 31 -5.23 9.87 -3.30
C GLU C 31 -5.29 8.35 -3.54
N ASN C 32 -5.02 7.57 -2.49
CA ASN C 32 -4.98 6.14 -2.56
C ASN C 32 -6.13 5.39 -1.83
N GLY C 33 -7.27 6.04 -1.64
CA GLY C 33 -8.46 5.33 -1.17
C GLY C 33 -8.88 5.53 0.27
N TYR C 34 -8.01 6.14 1.08
CA TYR C 34 -8.36 6.42 2.48
C TYR C 34 -9.07 7.75 2.65
N LYS C 35 -9.77 7.87 3.78
CA LYS C 35 -10.25 9.14 4.30
C LYS C 35 -9.27 9.56 5.43
N ALA C 36 -8.70 10.74 5.34
CA ALA C 36 -7.71 11.19 6.32
C ALA C 36 -8.08 12.50 7.01
N GLU C 37 -7.60 12.64 8.23
CA GLU C 37 -7.91 13.78 9.08
C GLU C 37 -6.59 14.17 9.75
N VAL C 38 -6.21 15.44 9.66
CA VAL C 38 -5.01 15.95 10.30
C VAL C 38 -5.38 16.69 11.58
N LYS C 39 -4.69 16.34 12.66
CA LYS C 39 -4.78 17.06 13.92
C LYS C 39 -3.57 17.97 14.05
N GLU C 40 -3.67 19.13 13.41
CA GLU C 40 -2.55 20.05 13.38
C GLU C 40 -2.26 20.52 14.80
N GLY C 41 -1.01 20.37 15.23
CA GLY C 41 -0.59 20.81 16.55
C GLY C 41 -1.36 20.21 17.71
N LEU C 42 -1.64 18.92 17.60
CA LEU C 42 -2.29 18.16 18.65
C LEU C 42 -1.60 18.39 20.00
N GLY C 43 -0.28 18.40 19.99
CA GLY C 43 0.54 18.63 21.17
C GLY C 43 2.00 18.38 20.84
N GLY C 44 2.84 18.33 21.86
CA GLY C 44 4.23 17.98 21.71
C GLY C 44 4.52 16.50 21.44
N THR C 45 5.76 16.13 21.61
CA THR C 45 6.27 14.81 21.33
C THR C 45 5.47 13.70 22.01
N LEU C 46 5.28 13.84 23.32
CA LEU C 46 4.63 12.80 24.10
C LEU C 46 3.10 12.85 23.98
N VAL C 47 2.52 14.02 23.75
CA VAL C 47 1.09 14.06 23.48
C VAL C 47 0.77 13.22 22.21
N ASN C 48 1.59 13.39 21.16
CA ASN C 48 1.43 12.60 19.94
C ASN C 48 1.71 11.12 20.18
N TYR C 49 2.79 10.83 20.88
CA TYR C 49 3.21 9.47 21.06
C TYR C 49 2.20 8.69 21.91
N GLU C 50 1.64 9.30 22.94
CA GLU C 50 0.65 8.63 23.76
C GLU C 50 -0.63 8.44 22.97
N ALA C 51 -0.99 9.42 22.15
CA ALA C 51 -2.17 9.26 21.31
C ALA C 51 -1.92 8.14 20.30
N LEU C 52 -0.70 8.02 19.81
CA LEU C 52 -0.36 6.96 18.84
C LEU C 52 -0.52 5.57 19.47
N LYS C 53 -0.02 5.43 20.70
CA LYS C 53 -0.12 4.16 21.46
C LYS C 53 -1.54 3.70 21.66
N ARG C 54 -2.44 4.65 21.90
CA ARG C 54 -3.85 4.36 22.17
C ARG C 54 -4.67 4.23 20.91
N ASN C 55 -4.06 4.50 19.75
CA ASN C 55 -4.79 4.55 18.48
C ASN C 55 -5.77 5.72 18.39
N ASP C 56 -5.58 6.75 19.22
CA ASP C 56 -6.28 8.01 19.01
C ASP C 56 -5.79 8.72 17.74
N ILE C 57 -4.52 8.56 17.42
CA ILE C 57 -4.02 8.83 16.07
C ILE C 57 -3.39 7.54 15.54
N GLN C 58 -3.27 7.43 14.24
CA GLN C 58 -2.72 6.22 13.63
C GLN C 58 -1.23 6.35 13.24
N LEU C 59 -0.77 7.60 13.05
CA LEU C 59 0.60 7.87 12.67
C LEU C 59 0.94 9.34 12.86
N TYR C 60 2.22 9.60 13.03
CA TYR C 60 2.75 10.94 12.93
C TYR C 60 4.24 10.90 12.55
N VAL C 61 4.83 12.07 12.30
CA VAL C 61 6.25 12.16 11.96
C VAL C 61 7.04 12.53 13.20
N GLU C 62 7.96 11.64 13.56
CA GLU C 62 8.87 11.80 14.70
C GLU C 62 10.30 11.89 14.16
N TYR C 63 11.26 12.22 15.02
CA TYR C 63 12.67 12.34 14.67
C TYR C 63 13.43 11.34 15.53
N THR C 64 14.41 10.65 14.97
CA THR C 64 15.13 9.62 15.70
C THR C 64 15.73 10.09 17.04
N GLY C 65 16.50 11.18 17.05
CA GLY C 65 17.05 11.67 18.30
C GLY C 65 16.02 11.99 19.37
N THR C 66 14.87 12.55 18.98
CA THR C 66 13.79 12.86 19.90
C THR C 66 13.20 11.58 20.49
N ALA C 67 12.93 10.57 19.62
CA ALA C 67 12.48 9.28 20.11
C ALA C 67 13.47 8.66 21.08
N TYR C 68 14.77 8.79 20.77
CA TYR C 68 15.80 8.18 21.59
C TYR C 68 15.90 8.85 22.97
N ASN C 69 15.97 10.16 22.96
CA ASN C 69 16.16 10.99 24.17
C ASN C 69 14.90 11.16 25.01
N VAL C 70 13.78 11.38 24.35
CA VAL C 70 12.54 11.82 25.02
C VAL C 70 11.54 10.71 25.23
N ILE C 71 11.29 9.89 24.19
CA ILE C 71 10.26 8.86 24.26
C ILE C 71 10.82 7.65 25.00
N LEU C 72 11.97 7.16 24.55
CA LEU C 72 12.62 6.00 25.17
C LEU C 72 13.53 6.35 26.37
N ARG C 73 13.90 7.64 26.52
CA ARG C 73 14.73 8.11 27.64
C ARG C 73 16.03 7.36 27.80
N LYS C 74 16.69 7.10 26.67
CA LYS C 74 17.92 6.31 26.66
C LYS C 74 19.11 7.21 26.98
N GLN C 75 20.18 6.58 27.41
CA GLN C 75 21.41 7.26 27.80
C GLN C 75 22.19 7.70 26.57
N PRO C 76 22.63 8.94 26.53
CA PRO C 76 23.41 9.45 25.40
C PRO C 76 24.75 8.77 25.25
N PRO C 77 25.13 8.46 24.01
CA PRO C 77 26.47 7.94 23.76
C PRO C 77 27.37 9.14 23.66
N GLU C 78 28.70 8.95 23.64
CA GLU C 78 29.63 10.06 23.61
C GLU C 78 29.67 10.71 22.23
N LEU C 79 29.73 9.86 21.21
CA LEU C 79 29.59 10.31 19.85
C LEU C 79 28.37 9.63 19.23
N TRP C 80 27.59 10.42 18.52
CA TRP C 80 26.29 10.00 18.05
C TRP C 80 26.40 9.49 16.62
N ASP C 81 25.99 8.26 16.42
CA ASP C 81 26.02 7.62 15.10
C ASP C 81 24.58 7.49 14.58
N GLN C 82 24.33 7.96 13.37
CA GLN C 82 23.00 7.92 12.76
C GLN C 82 22.34 6.55 12.74
N GLN C 83 23.01 5.51 12.22
CA GLN C 83 22.36 4.21 12.15
C GLN C 83 22.14 3.55 13.52
N TYR C 84 23.09 3.73 14.44
CA TYR C 84 22.96 3.20 15.78
C TYR C 84 21.68 3.75 16.42
N ILE C 85 21.53 5.06 16.36
CA ILE C 85 20.35 5.72 16.93
C ILE C 85 19.04 5.28 16.23
N PHE C 86 19.05 5.20 14.90
CA PHE C 86 17.86 4.72 14.19
C PHE C 86 17.49 3.30 14.65
N ASP C 87 18.45 2.37 14.67
CA ASP C 87 18.21 1.00 15.13
C ASP C 87 17.64 0.87 16.55
N GLU C 88 18.19 1.66 17.47
CA GLU C 88 17.78 1.63 18.87
C GLU C 88 16.36 2.16 18.98
N VAL C 89 16.04 3.17 18.16
CA VAL C 89 14.69 3.70 18.13
C VAL C 89 13.72 2.68 17.53
N LYS C 90 14.07 2.08 16.41
CA LYS C 90 13.18 1.12 15.79
C LYS C 90 12.86 -0.03 16.75
N LYS C 91 13.89 -0.54 17.42
CA LYS C 91 13.78 -1.68 18.31
C LYS C 91 12.99 -1.28 19.53
N GLY C 92 13.31 -0.10 20.06
CA GLY C 92 12.77 0.40 21.30
C GLY C 92 11.29 0.63 21.19
N LEU C 93 10.88 1.35 20.14
CA LEU C 93 9.47 1.61 19.90
C LEU C 93 8.63 0.34 19.67
N LEU C 94 9.20 -0.61 18.94
CA LEU C 94 8.51 -1.84 18.59
C LEU C 94 8.36 -2.71 19.84
N GLU C 95 9.44 -2.86 20.59
CA GLU C 95 9.40 -3.77 21.75
C GLU C 95 8.52 -3.22 22.88
N ALA C 96 8.56 -1.91 23.09
CA ALA C 96 7.83 -1.29 24.20
C ALA C 96 6.36 -1.15 23.91
N ASP C 97 6.04 -0.78 22.68
CA ASP C 97 4.70 -0.32 22.37
C ASP C 97 4.07 -0.90 21.10
N GLY C 98 4.85 -1.65 20.32
CA GLY C 98 4.43 -2.24 19.05
C GLY C 98 4.39 -1.21 17.92
N VAL C 99 4.92 -0.03 18.19
CA VAL C 99 4.94 1.06 17.20
C VAL C 99 5.99 0.73 16.12
N VAL C 100 5.60 0.92 14.86
CA VAL C 100 6.39 0.59 13.68
C VAL C 100 6.90 1.86 12.96
N VAL C 101 8.19 1.84 12.58
CA VAL C 101 8.80 2.81 11.70
C VAL C 101 8.47 2.43 10.23
N ALA C 102 7.59 3.19 9.62
CA ALA C 102 7.12 2.88 8.27
C ALA C 102 8.11 3.32 7.22
N ALA C 103 8.74 4.47 7.43
CA ALA C 103 9.62 5.03 6.41
C ALA C 103 10.47 6.14 6.97
N LYS C 104 11.70 6.26 6.48
CA LYS C 104 12.50 7.48 6.68
C LYS C 104 12.16 8.42 5.55
N LEU C 105 11.88 9.68 5.84
CA LEU C 105 11.48 10.64 4.82
C LEU C 105 12.65 11.11 3.95
N GLY C 106 13.85 11.13 4.53
CA GLY C 106 15.04 11.49 3.77
C GLY C 106 15.82 12.67 4.31
N PHE C 107 15.35 13.29 5.40
CA PHE C 107 16.01 14.50 5.92
C PHE C 107 16.23 14.44 7.43
N ARG C 108 17.20 15.23 7.90
CA ARG C 108 17.46 15.46 9.31
C ARG C 108 17.16 16.89 9.70
N ASP C 109 16.40 17.11 10.77
CA ASP C 109 16.21 18.45 11.33
C ASP C 109 17.08 18.55 12.58
N ASP C 110 18.38 18.68 12.37
CA ASP C 110 19.37 18.72 13.46
C ASP C 110 19.64 20.13 13.95
N TYR C 111 20.14 20.20 15.18
CA TYR C 111 20.87 21.36 15.65
C TYR C 111 22.26 21.22 15.05
N ALA C 112 22.69 22.25 14.31
CA ALA C 112 23.97 22.26 13.59
C ALA C 112 24.65 23.63 13.61
N LEU C 113 25.93 23.68 13.27
CA LEU C 113 26.65 24.95 13.20
C LEU C 113 26.51 25.53 11.80
N ALA C 114 26.32 26.84 11.70
CA ALA C 114 26.05 27.54 10.44
C ALA C 114 26.99 28.75 10.28
N VAL C 115 27.58 28.90 9.09
CA VAL C 115 28.37 30.08 8.77
C VAL C 115 27.85 30.80 7.53
N ARG C 116 28.29 32.03 7.31
CA ARG C 116 27.84 32.82 6.15
C ARG C 116 28.28 32.12 4.87
N ALA C 117 27.32 31.96 3.95
CA ALA C 117 27.45 31.06 2.80
C ALA C 117 28.61 31.40 1.86
N ASP C 118 28.74 32.67 1.50
CA ASP C 118 29.83 33.10 0.60
C ASP C 118 31.21 33.02 1.25
N TRP C 119 31.28 33.22 2.57
CA TRP C 119 32.54 33.06 3.33
C TRP C 119 33.06 31.61 3.28
N ALA C 120 32.15 30.66 3.50
CA ALA C 120 32.49 29.22 3.53
C ALA C 120 33.08 28.74 2.22
N GLU C 121 32.48 29.16 1.11
CA GLU C 121 32.95 28.77 -0.22
C GLU C 121 34.34 29.31 -0.53
N GLU C 122 34.60 30.54 -0.08
CA GLU C 122 35.88 31.20 -0.32
C GLU C 122 37.05 30.53 0.41
N ASN C 123 36.76 29.80 1.49
CA ASN C 123 37.79 29.20 2.35
C ASN C 123 37.75 27.67 2.45
N GLY C 124 36.86 27.03 1.69
CA GLY C 124 36.77 25.58 1.65
C GLY C 124 36.30 24.91 2.95
N VAL C 125 35.32 25.52 3.61
CA VAL C 125 34.78 24.96 4.86
C VAL C 125 33.46 24.22 4.61
N GLU C 126 33.49 22.91 4.83
CA GLU C 126 32.34 22.01 4.61
C GLU C 126 31.74 21.50 5.92
N LYS C 127 32.60 21.16 6.87
CA LYS C 127 32.19 20.54 8.14
C LYS C 127 32.79 21.25 9.37
N ILE C 128 32.39 20.81 10.56
CA ILE C 128 32.75 21.53 11.79
C ILE C 128 34.26 21.51 12.05
N SER C 129 34.92 20.38 11.79
CA SER C 129 36.36 20.21 12.06
C SER C 129 37.27 21.08 11.17
N ASP C 130 36.72 21.57 10.06
CA ASP C 130 37.46 22.49 9.18
C ASP C 130 37.63 23.89 9.82
N LEU C 131 36.67 24.29 10.67
CA LEU C 131 36.70 25.58 11.37
C LEU C 131 37.89 25.78 12.32
N ALA C 132 38.60 24.69 12.68
CA ALA C 132 39.70 24.78 13.65
C ALA C 132 40.77 25.81 13.26
N GLU C 133 41.09 25.85 11.96
CA GLU C 133 42.06 26.79 11.42
C GLU C 133 41.66 28.25 11.67
N PHE C 134 40.36 28.52 11.51
CA PHE C 134 39.82 29.88 11.58
C PHE C 134 39.19 30.22 12.94
N ALA C 135 39.35 29.33 13.92
CA ALA C 135 38.64 29.46 15.19
C ALA C 135 39.01 30.75 15.91
N ASP C 136 40.29 31.11 15.87
CA ASP C 136 40.78 32.30 16.57
C ASP C 136 40.37 33.63 15.90
N GLN C 137 39.66 33.55 14.79
CA GLN C 137 39.24 34.72 14.01
C GLN C 137 37.73 34.92 14.04
N LEU C 138 36.99 33.97 14.60
CA LEU C 138 35.53 33.94 14.46
C LEU C 138 34.81 34.22 15.78
N VAL C 139 33.65 34.86 15.66
CA VAL C 139 32.82 35.17 16.81
C VAL C 139 31.57 34.28 16.78
N PHE C 140 31.33 33.53 17.85
CA PHE C 140 30.19 32.62 17.95
C PHE C 140 29.00 33.33 18.60
N GLY C 141 27.83 33.25 17.99
CA GLY C 141 26.61 33.78 18.56
C GLY C 141 25.77 32.64 19.14
N SER C 142 25.07 32.91 20.24
CA SER C 142 24.43 31.83 20.98
C SER C 142 23.29 32.30 21.88
N ASP C 143 22.29 31.43 22.07
CA ASP C 143 21.37 31.57 23.21
C ASP C 143 22.15 31.11 24.46
N PRO C 144 21.76 31.58 25.65
CA PRO C 144 22.58 31.36 26.84
C PRO C 144 22.76 29.87 27.23
N GLU C 145 21.74 29.05 26.98
CA GLU C 145 21.75 27.65 27.44
C GLU C 145 22.49 26.70 26.49
N PHE C 146 22.78 27.16 25.28
CA PHE C 146 23.65 26.42 24.35
C PHE C 146 25.14 26.76 24.53
N ALA C 147 25.45 27.87 25.18
CA ALA C 147 26.83 28.27 25.45
C ALA C 147 27.37 27.65 26.75
N SER C 148 26.47 27.41 27.71
CA SER C 148 26.85 27.04 29.08
C SER C 148 26.56 25.57 29.47
N ARG C 149 25.47 24.98 28.93
CA ARG C 149 25.13 23.57 29.27
C ARG C 149 26.16 22.59 28.64
N PRO C 150 26.46 21.48 29.33
CA PRO C 150 27.57 20.60 28.90
C PRO C 150 27.45 20.03 27.47
N ASP C 151 26.24 19.66 27.04
CA ASP C 151 26.04 18.93 25.79
C ASP C 151 25.84 19.79 24.53
N GLY C 152 26.28 21.06 24.59
CA GLY C 152 26.13 21.99 23.47
C GLY C 152 27.46 22.53 22.95
N LEU C 153 27.74 23.79 23.25
CA LEU C 153 29.00 24.44 22.86
C LEU C 153 30.20 23.74 23.49
N PRO C 154 30.18 23.46 24.80
CA PRO C 154 31.31 22.76 25.44
C PRO C 154 31.53 21.31 24.97
N GLN C 155 30.51 20.62 24.47
CA GLN C 155 30.72 19.28 23.90
C GLN C 155 31.35 19.34 22.51
N ILE C 156 31.08 20.40 21.76
CA ILE C 156 31.75 20.64 20.49
C ILE C 156 33.23 20.95 20.73
N LYS C 157 33.50 21.80 21.72
CA LYS C 157 34.88 22.16 22.07
C LYS C 157 35.67 20.96 22.58
N LYS C 158 34.97 19.98 23.16
CA LYS C 158 35.60 18.75 23.66
C LYS C 158 35.88 17.73 22.56
N VAL C 159 34.94 17.60 21.62
CA VAL C 159 35.01 16.59 20.57
C VAL C 159 35.96 17.04 19.48
N TYR C 160 35.82 18.29 19.04
CA TYR C 160 36.62 18.86 17.96
C TYR C 160 37.91 19.53 18.47
N GLY C 161 37.89 20.04 19.70
CA GLY C 161 39.13 20.46 20.37
C GLY C 161 39.55 21.92 20.21
N PHE C 162 38.69 22.79 19.68
CA PHE C 162 39.04 24.21 19.52
C PHE C 162 38.08 25.15 20.28
N GLU C 163 38.45 26.43 20.30
CA GLU C 163 37.64 27.48 20.92
C GLU C 163 37.52 28.69 19.99
N PHE C 164 36.46 29.47 20.15
CA PHE C 164 36.24 30.67 19.32
C PHE C 164 36.87 31.92 19.96
N LYS C 165 37.31 32.83 19.11
CA LYS C 165 37.87 34.12 19.54
C LYS C 165 36.91 34.85 20.48
N GLU C 166 35.63 34.86 20.15
CA GLU C 166 34.62 35.55 20.96
C GLU C 166 33.34 34.72 21.02
N VAL C 167 32.60 34.86 22.12
CA VAL C 167 31.27 34.28 22.24
C VAL C 167 30.32 35.37 22.73
N LYS C 168 29.39 35.77 21.86
CA LYS C 168 28.36 36.77 22.19
C LYS C 168 27.02 36.08 22.42
N GLN C 169 26.44 36.28 23.60
CA GLN C 169 25.16 35.65 23.93
C GLN C 169 24.05 36.60 23.46
N MET C 170 22.93 36.02 23.04
CA MET C 170 21.83 36.78 22.46
C MET C 170 20.69 35.81 22.13
N GLU C 171 19.48 36.11 22.60
CA GLU C 171 18.34 35.21 22.39
C GLU C 171 18.05 35.08 20.86
N PRO C 172 17.52 33.93 20.41
CA PRO C 172 17.36 33.65 18.97
C PRO C 172 16.50 34.65 18.18
N THR C 173 15.63 35.39 18.87
CA THR C 173 14.76 36.42 18.26
C THR C 173 15.49 37.26 17.19
N LEU C 174 16.69 37.74 17.54
CA LEU C 174 17.47 38.63 16.67
C LEU C 174 18.86 38.06 16.35
N MET C 175 19.02 36.74 16.47
CA MET C 175 20.31 36.09 16.22
C MET C 175 20.65 35.99 14.73
N TYR C 176 19.64 35.86 13.89
CA TYR C 176 19.85 35.77 12.45
C TYR C 176 20.16 37.15 11.89
N GLU C 177 19.47 38.18 12.41
CA GLU C 177 19.80 39.57 12.04
C GLU C 177 21.26 39.84 12.36
N ALA C 178 21.74 39.27 13.46
CA ALA C 178 23.11 39.49 13.97
C ALA C 178 24.22 38.84 13.14
N ILE C 179 23.96 37.71 12.48
CA ILE C 179 24.94 37.13 11.55
C ILE C 179 24.94 37.85 10.20
N LYS C 180 23.79 38.38 9.79
CA LYS C 180 23.71 39.16 8.54
C LYS C 180 24.40 40.50 8.69
N ASN C 181 24.11 41.19 9.80
CA ASN C 181 24.77 42.45 10.15
C ASN C 181 26.21 42.22 10.60
N LYS C 182 26.61 40.95 10.71
CA LYS C 182 28.00 40.53 10.94
C LYS C 182 28.51 40.91 12.35
N GLN C 183 27.60 41.12 13.30
CA GLN C 183 27.97 41.18 14.72
C GLN C 183 28.64 39.86 15.14
N VAL C 184 28.17 38.76 14.55
CA VAL C 184 28.74 37.43 14.75
C VAL C 184 29.06 36.80 13.39
N ASP C 185 29.66 35.61 13.42
CA ASP C 185 30.03 34.86 12.22
C ASP C 185 29.40 33.45 12.16
N VAL C 186 29.30 32.80 13.32
CA VAL C 186 28.85 31.42 13.42
C VAL C 186 27.72 31.33 14.43
N ILE C 187 26.61 30.72 14.02
CA ILE C 187 25.50 30.50 14.92
C ILE C 187 25.10 29.03 14.92
N PRO C 188 24.38 28.61 15.95
CA PRO C 188 23.68 27.32 15.92
C PRO C 188 22.32 27.53 15.27
N ALA C 189 22.01 26.64 14.35
CA ALA C 189 20.82 26.74 13.54
C ALA C 189 20.26 25.34 13.30
N TYR C 190 18.94 25.24 13.18
CA TYR C 190 18.29 23.97 12.81
C TYR C 190 18.44 23.79 11.30
N THR C 191 18.77 22.58 10.86
CA THR C 191 19.12 22.33 9.46
C THR C 191 17.98 22.58 8.48
N THR C 192 16.72 22.47 8.90
CA THR C 192 15.60 22.76 7.99
C THR C 192 14.98 24.13 8.22
N ASP C 193 15.66 24.99 8.97
CA ASP C 193 15.11 26.28 9.29
C ASP C 193 15.20 27.14 8.03
N SER C 194 14.09 27.79 7.70
CA SER C 194 14.00 28.63 6.52
C SER C 194 14.95 29.82 6.52
N ARG C 195 15.41 30.25 7.69
CA ARG C 195 16.32 31.39 7.79
C ARG C 195 17.73 31.00 7.34
N VAL C 196 18.01 29.70 7.23
CA VAL C 196 19.26 29.26 6.61
C VAL C 196 19.26 29.62 5.11
N ASP C 197 18.10 29.50 4.46
CA ASP C 197 17.94 29.97 3.09
C ASP C 197 17.81 31.53 3.03
N LEU C 198 16.92 32.08 3.84
CA LEU C 198 16.58 33.52 3.85
C LEU C 198 17.80 34.43 3.99
N PHE C 199 18.56 34.21 5.04
CA PHE C 199 19.76 35.00 5.33
C PHE C 199 21.01 34.36 4.74
N ASN C 200 20.84 33.46 3.78
CA ASN C 200 21.94 32.86 2.99
C ASN C 200 23.12 32.38 3.83
N LEU C 201 22.99 31.19 4.39
CA LEU C 201 24.05 30.53 5.18
C LEU C 201 24.28 29.10 4.70
N LYS C 202 25.38 28.51 5.14
CA LYS C 202 25.67 27.10 4.90
C LYS C 202 25.70 26.30 6.22
N ILE C 203 25.12 25.10 6.20
CA ILE C 203 25.13 24.16 7.31
C ILE C 203 26.40 23.32 7.25
N LEU C 204 27.11 23.20 8.36
CA LEU C 204 28.33 22.38 8.41
C LEU C 204 28.03 20.99 8.98
N GLU C 205 28.69 19.98 8.43
CA GLU C 205 28.47 18.61 8.85
C GLU C 205 29.09 18.34 10.23
N ASP C 206 28.26 17.83 11.15
CA ASP C 206 28.76 17.35 12.44
C ASP C 206 29.52 16.02 12.22
N ASP C 207 30.77 16.13 11.79
CA ASP C 207 31.47 14.97 11.23
C ASP C 207 32.06 13.99 12.26
N LYS C 208 32.26 14.44 13.50
CA LYS C 208 32.75 13.56 14.57
C LYS C 208 31.60 13.02 15.46
N GLY C 209 30.38 13.46 15.19
CA GLY C 209 29.20 12.98 15.91
C GLY C 209 29.02 13.56 17.31
N ALA C 210 29.37 14.82 17.49
CA ALA C 210 29.20 15.51 18.79
C ALA C 210 27.73 15.63 19.20
N LEU C 211 26.87 15.86 18.20
CA LEU C 211 25.45 16.18 18.40
C LEU C 211 24.54 15.07 17.90
N PRO C 212 23.31 14.98 18.45
CA PRO C 212 22.40 13.90 18.11
C PRO C 212 21.87 14.02 16.69
N PRO C 213 21.50 12.91 16.06
CA PRO C 213 20.87 12.94 14.73
C PRO C 213 19.35 13.03 14.88
N TYR C 214 18.66 13.75 14.00
CA TYR C 214 17.21 13.88 14.12
C TYR C 214 16.60 13.55 12.76
N ASP C 215 16.74 12.30 12.35
CA ASP C 215 16.22 11.83 11.08
C ASP C 215 14.69 11.72 11.15
N ALA C 216 14.00 12.32 10.20
CA ALA C 216 12.53 12.29 10.24
C ALA C 216 12.01 10.91 9.80
N ILE C 217 11.07 10.38 10.56
CA ILE C 217 10.53 9.03 10.35
C ILE C 217 9.02 9.07 10.55
N ILE C 218 8.29 8.36 9.69
CA ILE C 218 6.87 8.14 9.91
C ILE C 218 6.72 6.96 10.85
N ILE C 219 6.12 7.19 12.02
CA ILE C 219 5.83 6.07 12.95
C ILE C 219 4.33 5.83 13.06
N VAL C 220 3.97 4.56 13.22
CA VAL C 220 2.59 4.12 13.01
C VAL C 220 2.18 3.22 14.20
N ASN C 221 0.93 3.33 14.65
CA ASN C 221 0.33 2.36 15.59
C ASN C 221 0.46 0.90 15.09
N GLY C 222 0.78 -0.01 16.02
CA GLY C 222 1.10 -1.40 15.70
C GLY C 222 -0.04 -2.11 14.98
N ASN C 223 -1.28 -1.88 15.43
CA ASN C 223 -2.46 -2.34 14.67
C ASN C 223 -2.52 -1.82 13.25
N THR C 224 -2.39 -0.51 13.11
CA THR C 224 -2.52 0.15 11.83
C THR C 224 -1.45 -0.35 10.85
N ALA C 225 -0.27 -0.69 11.38
CA ALA C 225 0.88 -1.08 10.57
C ALA C 225 0.73 -2.45 9.92
N LYS C 226 -0.27 -3.20 10.34
CA LYS C 226 -0.51 -4.51 9.70
C LYS C 226 -1.28 -4.37 8.38
N ASP C 227 -1.79 -3.19 8.13
CA ASP C 227 -2.38 -2.84 6.84
C ASP C 227 -1.23 -2.61 5.86
N GLU C 228 -0.89 -3.65 5.10
CA GLU C 228 0.21 -3.62 4.14
C GLU C 228 -0.03 -2.55 3.08
N LYS C 229 -1.29 -2.31 2.71
CA LYS C 229 -1.61 -1.27 1.73
C LYS C 229 -1.14 0.10 2.27
N LEU C 230 -1.48 0.38 3.52
CA LEU C 230 -1.16 1.66 4.14
C LEU C 230 0.35 1.85 4.19
N ILE C 231 1.09 0.84 4.61
CA ILE C 231 2.55 0.87 4.65
C ILE C 231 3.14 1.11 3.27
N SER C 232 2.63 0.44 2.24
CA SER C 232 3.12 0.67 0.90
C SER C 232 2.91 2.12 0.48
N VAL C 233 1.75 2.68 0.81
CA VAL C 233 1.44 4.06 0.41
C VAL C 233 2.39 5.03 1.13
N LEU C 234 2.58 4.81 2.42
CA LEU C 234 3.46 5.66 3.22
C LEU C 234 4.90 5.60 2.64
N LYS C 235 5.30 4.42 2.16
CA LYS C 235 6.65 4.23 1.60
C LYS C 235 6.85 4.91 0.24
N LEU C 236 5.78 5.35 -0.40
CA LEU C 236 5.92 6.25 -1.56
C LEU C 236 6.73 7.50 -1.19
N LEU C 237 6.72 7.91 0.08
CA LEU C 237 7.55 9.03 0.56
C LEU C 237 8.93 8.68 1.02
N GLU C 238 9.28 7.39 1.03
CA GLU C 238 10.59 6.98 1.54
C GLU C 238 11.75 7.60 0.76
N ASP C 239 12.66 8.23 1.51
CA ASP C 239 13.77 8.98 0.95
C ASP C 239 13.40 10.05 -0.09
N ARG C 240 12.18 10.56 -0.10
CA ARG C 240 11.79 11.55 -1.10
C ARG C 240 12.09 12.99 -0.73
N ILE C 241 12.33 13.29 0.54
CA ILE C 241 12.46 14.67 0.97
C ILE C 241 13.80 14.83 1.63
N ASP C 242 14.80 15.40 0.93
CA ASP C 242 16.11 15.67 1.54
C ASP C 242 16.08 17.00 2.30
N THR C 243 17.18 17.36 2.95
CA THR C 243 17.17 18.48 3.87
C THR C 243 16.91 19.82 3.17
N ASP C 244 17.52 20.01 1.98
CA ASP C 244 17.32 21.25 1.22
C ASP C 244 15.85 21.38 0.80
N THR C 245 15.24 20.28 0.42
CA THR C 245 13.85 20.26 -0.01
C THR C 245 12.89 20.60 1.16
N MET C 246 13.08 19.95 2.32
CA MET C 246 12.25 20.27 3.49
C MET C 246 12.39 21.74 3.88
N ARG C 247 13.63 22.19 3.91
CA ARG C 247 13.96 23.59 4.19
C ARG C 247 13.30 24.51 3.19
N ALA C 248 13.19 24.13 1.90
CA ALA C 248 12.51 25.01 0.92
C ALA C 248 11.00 24.97 1.13
N LEU C 249 10.46 23.82 1.53
CA LEU C 249 9.04 23.75 1.87
C LEU C 249 8.70 24.61 3.12
N ASN C 250 9.58 24.60 4.11
CA ASN C 250 9.40 25.41 5.30
C ASN C 250 9.50 26.87 4.89
N TYR C 251 10.43 27.16 3.99
CA TYR C 251 10.64 28.53 3.46
C TYR C 251 9.37 29.03 2.77
N GLN C 252 8.64 28.15 2.05
CA GLN C 252 7.31 28.51 1.50
C GLN C 252 6.31 28.86 2.57
N TYR C 253 6.44 28.22 3.73
CA TYR C 253 5.57 28.48 4.84
C TYR C 253 6.00 29.74 5.62
N ASP C 254 7.29 29.87 5.95
CA ASP C 254 7.75 30.96 6.84
C ASP C 254 7.88 32.31 6.10
N VAL C 255 8.30 32.27 4.84
CA VAL C 255 8.65 33.49 4.11
C VAL C 255 7.60 33.87 3.08
N GLU C 256 7.00 32.87 2.41
CA GLU C 256 5.94 33.13 1.42
C GLU C 256 4.51 33.02 1.97
N LYS C 257 4.36 32.67 3.24
CA LYS C 257 3.03 32.63 3.88
C LYS C 257 2.00 31.72 3.19
N LYS C 258 2.47 30.73 2.43
CA LYS C 258 1.58 29.74 1.86
C LYS C 258 1.07 28.82 2.96
N ASP C 259 -0.17 28.35 2.79
CA ASP C 259 -0.80 27.40 3.70
C ASP C 259 -0.08 26.03 3.62
N ALA C 260 0.06 25.33 4.74
CA ALA C 260 0.72 24.00 4.78
C ALA C 260 0.12 23.00 3.80
N ARG C 261 -1.21 22.98 3.72
CA ARG C 261 -1.87 22.06 2.83
C ARG C 261 -1.60 22.33 1.34
N GLU C 262 -1.58 23.61 0.94
CA GLU C 262 -1.22 24.00 -0.43
C GLU C 262 0.23 23.61 -0.75
N ILE C 263 1.14 23.85 0.19
CA ILE C 263 2.56 23.49 0.04
C ILE C 263 2.72 21.99 -0.22
N ALA C 264 2.04 21.20 0.59
CA ALA C 264 2.08 19.74 0.50
C ALA C 264 1.50 19.26 -0.84
N MET C 265 0.38 19.86 -1.26
CA MET C 265 -0.29 19.49 -2.52
C MET C 265 0.61 19.80 -3.69
N SER C 266 1.25 20.96 -3.68
CA SER C 266 2.17 21.37 -4.73
C SER C 266 3.34 20.44 -4.85
N PHE C 267 3.95 20.11 -3.71
CA PHE C 267 5.04 19.16 -3.71
C PHE C 267 4.65 17.81 -4.30
N LEU C 268 3.54 17.26 -3.84
CA LEU C 268 3.06 15.95 -4.31
C LEU C 268 2.74 15.91 -5.80
N LYS C 269 2.21 17.02 -6.32
CA LYS C 269 1.92 17.13 -7.76
C LYS C 269 3.21 17.19 -8.56
N GLU C 270 4.14 18.03 -8.11
CA GLU C 270 5.45 18.14 -8.75
C GLU C 270 6.23 16.82 -8.74
N GLN C 271 6.05 16.01 -7.69
CA GLN C 271 6.65 14.68 -7.56
C GLN C 271 5.96 13.54 -8.33
N GLY C 272 4.81 13.83 -8.93
CA GLY C 272 4.04 12.83 -9.65
C GLY C 272 3.30 11.85 -8.79
N LEU C 273 3.05 12.20 -7.53
CA LEU C 273 2.39 11.31 -6.57
C LEU C 273 0.88 11.55 -6.48
N VAL C 274 0.44 12.72 -6.90
CA VAL C 274 -0.96 13.01 -7.05
C VAL C 274 -1.23 13.65 -8.42
N LYS C 275 -2.49 13.62 -8.85
CA LYS C 275 -2.95 14.09 -10.17
C LYS C 275 -2.69 12.99 -11.19
N GLU D 6 1.38 -8.28 19.46
CA GLU D 6 0.84 -7.60 20.68
C GLU D 6 -0.23 -8.50 21.34
N ARG D 7 -0.13 -8.63 22.65
CA ARG D 7 -1.09 -9.39 23.45
C ARG D 7 -2.52 -9.28 22.95
N VAL D 8 -3.14 -10.42 22.68
CA VAL D 8 -4.53 -10.48 22.27
C VAL D 8 -5.43 -10.80 23.45
N VAL D 9 -6.28 -9.84 23.84
CA VAL D 9 -7.17 -10.01 24.98
C VAL D 9 -8.55 -10.46 24.48
N ILE D 10 -9.07 -11.54 25.05
CA ILE D 10 -10.31 -12.19 24.62
C ILE D 10 -11.40 -12.04 25.68
N GLY D 11 -12.55 -11.51 25.29
CA GLY D 11 -13.67 -11.35 26.18
C GLY D 11 -14.50 -12.61 26.26
N SER D 12 -15.41 -12.63 27.22
CA SER D 12 -16.43 -13.68 27.28
C SER D 12 -17.59 -13.25 28.16
N LYS D 13 -18.76 -13.83 27.89
CA LYS D 13 -19.91 -13.68 28.76
C LYS D 13 -19.82 -14.76 29.83
N PRO D 14 -20.52 -14.57 30.94
CA PRO D 14 -20.32 -15.43 32.13
C PRO D 14 -21.07 -16.77 32.10
N PHE D 15 -20.61 -17.71 31.28
CA PHE D 15 -21.20 -19.05 31.27
C PHE D 15 -20.33 -20.04 30.51
N ASN D 16 -20.47 -21.31 30.91
CA ASN D 16 -19.75 -22.45 30.34
C ASN D 16 -19.18 -22.32 28.92
N GLU D 17 -20.06 -22.25 27.94
CA GLU D 17 -19.73 -22.21 26.52
C GLU D 17 -18.72 -21.09 26.18
N GLN D 18 -18.93 -19.92 26.78
CA GLN D 18 -18.03 -18.78 26.56
C GLN D 18 -16.67 -19.00 27.17
N TYR D 19 -16.62 -19.54 28.39
CA TYR D 19 -15.35 -19.85 29.03
C TYR D 19 -14.56 -20.88 28.19
N ILE D 20 -15.24 -21.92 27.72
CA ILE D 20 -14.61 -22.92 26.85
C ILE D 20 -14.03 -22.27 25.59
N LEU D 21 -14.87 -21.50 24.90
CA LEU D 21 -14.49 -20.99 23.61
C LEU D 21 -13.41 -19.91 23.70
N ALA D 22 -13.47 -19.03 24.70
CA ALA D 22 -12.46 -18.01 24.85
C ALA D 22 -11.13 -18.63 25.12
N ASN D 23 -11.11 -19.62 26.00
CA ASN D 23 -9.88 -20.35 26.26
C ASN D 23 -9.34 -21.10 25.04
N MET D 24 -10.25 -21.65 24.22
CA MET D 24 -9.88 -22.34 22.99
C MET D 24 -9.17 -21.38 22.04
N ILE D 25 -9.70 -20.17 21.90
CA ILE D 25 -9.11 -19.18 20.98
C ILE D 25 -7.74 -18.78 21.50
N ALA D 26 -7.63 -18.59 22.81
CA ALA D 26 -6.34 -18.26 23.42
C ALA D 26 -5.28 -19.30 23.16
N ILE D 27 -5.60 -20.56 23.37
CA ILE D 27 -4.65 -21.66 23.15
C ILE D 27 -4.23 -21.79 21.69
N LEU D 28 -5.18 -21.67 20.77
CA LEU D 28 -4.88 -21.67 19.37
C LEU D 28 -4.02 -20.47 18.93
N LEU D 29 -4.30 -19.29 19.45
CA LEU D 29 -3.48 -18.12 19.18
C LEU D 29 -2.05 -18.32 19.67
N GLU D 30 -1.89 -18.84 20.88
CA GLU D 30 -0.57 -18.98 21.50
C GLU D 30 0.27 -20.06 20.79
N GLU D 31 -0.40 -21.03 20.17
CA GLU D 31 0.24 -22.06 19.36
C GLU D 31 0.74 -21.49 18.05
N ASN D 32 0.14 -20.38 17.62
CA ASN D 32 0.54 -19.68 16.41
C ASN D 32 1.28 -18.37 16.70
N GLY D 33 2.02 -18.32 17.81
CA GLY D 33 2.96 -17.25 18.08
C GLY D 33 2.47 -16.01 18.82
N TYR D 34 1.16 -15.91 19.06
CA TYR D 34 0.61 -14.77 19.78
C TYR D 34 0.69 -15.00 21.30
N LYS D 35 0.62 -13.93 22.07
CA LYS D 35 0.39 -14.04 23.51
C LYS D 35 -1.08 -13.69 23.71
N ALA D 36 -1.80 -14.46 24.53
CA ALA D 36 -3.25 -14.27 24.73
C ALA D 36 -3.62 -14.21 26.20
N GLU D 37 -4.68 -13.45 26.48
CA GLU D 37 -5.23 -13.29 27.82
C GLU D 37 -6.75 -13.43 27.68
N VAL D 38 -7.35 -14.24 28.53
CA VAL D 38 -8.79 -14.36 28.54
C VAL D 38 -9.32 -13.57 29.71
N LYS D 39 -10.32 -12.75 29.46
CA LYS D 39 -11.13 -12.12 30.51
C LYS D 39 -12.45 -12.90 30.70
N GLU D 40 -12.39 -13.95 31.53
CA GLU D 40 -13.55 -14.81 31.74
C GLU D 40 -14.66 -14.04 32.45
N GLY D 41 -15.85 -14.03 31.84
CA GLY D 41 -16.98 -13.40 32.46
C GLY D 41 -16.81 -11.89 32.65
N LEU D 42 -16.22 -11.25 31.65
CA LEU D 42 -16.06 -9.79 31.64
C LEU D 42 -17.39 -9.06 31.90
N GLY D 43 -18.47 -9.58 31.35
CA GLY D 43 -19.76 -8.91 31.42
C GLY D 43 -20.67 -9.49 30.38
N GLY D 44 -21.84 -8.89 30.23
CA GLY D 44 -22.80 -9.36 29.24
C GLY D 44 -22.45 -8.92 27.81
N THR D 45 -23.45 -9.05 26.96
CA THR D 45 -23.35 -8.81 25.53
C THR D 45 -22.73 -7.45 25.23
N LEU D 46 -23.30 -6.39 25.85
CA LEU D 46 -22.86 -5.03 25.57
C LEU D 46 -21.58 -4.58 26.28
N VAL D 47 -21.29 -5.16 27.45
CA VAL D 47 -20.01 -4.90 28.13
C VAL D 47 -18.89 -5.40 27.19
N ASN D 48 -19.05 -6.61 26.67
CA ASN D 48 -18.06 -7.16 25.75
C ASN D 48 -18.03 -6.34 24.46
N TYR D 49 -19.17 -6.05 23.87
CA TYR D 49 -19.20 -5.33 22.59
C TYR D 49 -18.60 -3.90 22.73
N GLU D 50 -18.96 -3.16 23.80
CA GLU D 50 -18.37 -1.82 24.00
C GLU D 50 -16.86 -1.93 24.21
N ALA D 51 -16.43 -2.94 24.97
CA ALA D 51 -14.99 -3.13 25.18
C ALA D 51 -14.28 -3.43 23.88
N LEU D 52 -14.93 -4.18 23.00
CA LEU D 52 -14.36 -4.52 21.71
C LEU D 52 -14.22 -3.29 20.82
N LYS D 53 -15.26 -2.44 20.79
CA LYS D 53 -15.20 -1.14 20.08
C LYS D 53 -13.99 -0.31 20.53
N ARG D 54 -13.70 -0.30 21.82
CA ARG D 54 -12.60 0.49 22.35
C ARG D 54 -11.21 -0.16 22.20
N ASN D 55 -11.16 -1.39 21.71
CA ASN D 55 -9.94 -2.22 21.69
C ASN D 55 -9.37 -2.52 23.09
N ASP D 56 -10.22 -2.45 24.13
CA ASP D 56 -9.91 -2.99 25.46
C ASP D 56 -9.87 -4.53 25.42
N ILE D 57 -10.76 -5.13 24.64
CA ILE D 57 -10.56 -6.50 24.20
C ILE D 57 -10.47 -6.49 22.68
N GLN D 58 -9.80 -7.49 22.14
CA GLN D 58 -9.58 -7.59 20.71
C GLN D 58 -10.64 -8.44 19.97
N LEU D 59 -11.25 -9.38 20.66
CA LEU D 59 -12.23 -10.29 20.06
C LEU D 59 -13.01 -11.00 21.12
N TYR D 60 -14.18 -11.51 20.73
CA TYR D 60 -14.99 -12.41 21.56
C TYR D 60 -15.98 -13.14 20.68
N VAL D 61 -16.66 -14.13 21.27
CA VAL D 61 -17.66 -14.92 20.59
C VAL D 61 -19.07 -14.37 20.87
N GLU D 62 -19.71 -13.90 19.81
CA GLU D 62 -21.09 -13.39 19.84
C GLU D 62 -22.00 -14.34 19.08
N TYR D 63 -23.32 -14.12 19.13
CA TYR D 63 -24.31 -14.92 18.42
C TYR D 63 -25.09 -14.02 17.48
N THR D 64 -25.40 -14.51 16.28
CA THR D 64 -26.01 -13.65 15.25
C THR D 64 -27.29 -13.01 15.71
N GLY D 65 -28.20 -13.78 16.27
CA GLY D 65 -29.49 -13.26 16.71
C GLY D 65 -29.34 -12.19 17.77
N THR D 66 -28.37 -12.40 18.65
CA THR D 66 -28.03 -11.39 19.64
C THR D 66 -27.48 -10.10 19.07
N ALA D 67 -26.56 -10.22 18.12
CA ALA D 67 -26.02 -9.05 17.45
C ALA D 67 -27.12 -8.27 16.73
N TYR D 68 -28.03 -8.99 16.08
CA TYR D 68 -29.14 -8.40 15.34
C TYR D 68 -30.12 -7.62 16.25
N ASN D 69 -30.52 -8.27 17.34
CA ASN D 69 -31.59 -7.77 18.24
C ASN D 69 -31.07 -6.78 19.26
N VAL D 70 -29.92 -7.10 19.85
CA VAL D 70 -29.39 -6.35 21.00
C VAL D 70 -28.37 -5.32 20.64
N ILE D 71 -27.35 -5.70 19.85
CA ILE D 71 -26.32 -4.75 19.48
C ILE D 71 -26.80 -3.75 18.42
N LEU D 72 -27.36 -4.28 17.33
CA LEU D 72 -27.77 -3.45 16.18
C LEU D 72 -29.18 -2.91 16.34
N ARG D 73 -29.97 -3.50 17.23
CA ARG D 73 -31.33 -3.05 17.53
C ARG D 73 -32.19 -2.98 16.26
N LYS D 74 -32.08 -4.02 15.44
CA LYS D 74 -32.79 -4.07 14.16
C LYS D 74 -34.18 -4.62 14.35
N GLN D 75 -35.05 -4.41 13.36
CA GLN D 75 -36.45 -4.82 13.46
C GLN D 75 -36.57 -6.27 13.09
N PRO D 76 -37.31 -7.02 13.91
CA PRO D 76 -37.45 -8.46 13.67
C PRO D 76 -38.23 -8.69 12.39
N PRO D 77 -37.77 -9.62 11.56
CA PRO D 77 -38.53 -9.97 10.36
C PRO D 77 -39.65 -10.88 10.81
N GLU D 78 -40.66 -11.03 9.98
CA GLU D 78 -41.77 -11.94 10.27
C GLU D 78 -41.33 -13.39 10.32
N LEU D 79 -40.38 -13.76 9.46
CA LEU D 79 -39.81 -15.10 9.45
C LEU D 79 -38.31 -14.99 9.48
N TRP D 80 -37.68 -15.80 10.32
CA TRP D 80 -36.26 -15.69 10.56
C TRP D 80 -35.53 -16.68 9.68
N ASP D 81 -34.67 -16.16 8.80
CA ASP D 81 -33.83 -16.99 7.96
C ASP D 81 -32.37 -16.86 8.42
N GLN D 82 -31.81 -17.99 8.79
CA GLN D 82 -30.47 -18.06 9.40
C GLN D 82 -29.38 -17.29 8.63
N GLN D 83 -29.21 -17.62 7.37
CA GLN D 83 -28.07 -17.09 6.62
C GLN D 83 -28.25 -15.62 6.27
N TYR D 84 -29.49 -15.21 6.07
CA TYR D 84 -29.83 -13.82 5.90
C TYR D 84 -29.45 -13.01 7.13
N ILE D 85 -29.85 -13.48 8.32
CA ILE D 85 -29.50 -12.78 9.55
C ILE D 85 -27.98 -12.70 9.72
N PHE D 86 -27.27 -13.77 9.42
CA PHE D 86 -25.79 -13.76 9.41
C PHE D 86 -25.21 -12.65 8.51
N ASP D 87 -25.69 -12.52 7.29
CA ASP D 87 -25.21 -11.42 6.41
C ASP D 87 -25.60 -10.02 6.88
N GLU D 88 -26.81 -9.89 7.44
CA GLU D 88 -27.23 -8.61 7.99
C GLU D 88 -26.36 -8.16 9.15
N VAL D 89 -25.94 -9.10 9.98
CA VAL D 89 -25.08 -8.83 11.12
C VAL D 89 -23.64 -8.47 10.67
N LYS D 90 -23.13 -9.23 9.71
CA LYS D 90 -21.79 -8.99 9.19
C LYS D 90 -21.72 -7.58 8.63
N LYS D 91 -22.70 -7.18 7.81
CA LYS D 91 -22.72 -5.83 7.24
C LYS D 91 -22.93 -4.75 8.30
N GLY D 92 -23.87 -4.97 9.21
CA GLY D 92 -24.24 -4.00 10.21
C GLY D 92 -23.13 -3.70 11.19
N LEU D 93 -22.42 -4.73 11.66
CA LEU D 93 -21.35 -4.56 12.64
C LEU D 93 -20.17 -3.83 12.04
N LEU D 94 -19.85 -4.20 10.81
CA LEU D 94 -18.81 -3.59 10.03
C LEU D 94 -19.09 -2.11 9.77
N GLU D 95 -20.32 -1.80 9.38
CA GLU D 95 -20.66 -0.45 8.94
C GLU D 95 -20.76 0.46 10.15
N ALA D 96 -21.31 -0.04 11.26
CA ALA D 96 -21.47 0.76 12.47
C ALA D 96 -20.13 1.07 13.13
N ASP D 97 -19.34 0.04 13.37
CA ASP D 97 -18.25 0.11 14.34
C ASP D 97 -16.91 -0.42 13.85
N GLY D 98 -16.85 -0.82 12.58
CA GLY D 98 -15.66 -1.44 12.01
C GLY D 98 -15.44 -2.88 12.43
N VAL D 99 -16.40 -3.47 13.15
CA VAL D 99 -16.24 -4.81 13.70
C VAL D 99 -16.34 -5.85 12.62
N VAL D 100 -15.40 -6.77 12.62
CA VAL D 100 -15.28 -7.82 11.61
C VAL D 100 -15.69 -9.20 12.12
N VAL D 101 -16.50 -9.91 11.34
CA VAL D 101 -16.80 -11.32 11.62
C VAL D 101 -15.68 -12.17 11.02
N ALA D 102 -14.81 -12.71 11.87
CA ALA D 102 -13.71 -13.54 11.40
C ALA D 102 -14.16 -14.92 10.94
N ALA D 103 -15.10 -15.54 11.67
CA ALA D 103 -15.42 -16.96 11.50
C ALA D 103 -16.78 -17.32 12.09
N LYS D 104 -17.52 -18.14 11.37
CA LYS D 104 -18.69 -18.85 11.87
C LYS D 104 -18.15 -20.14 12.48
N LEU D 105 -18.41 -20.41 13.75
CA LEU D 105 -17.89 -21.61 14.41
C LEU D 105 -18.53 -22.91 13.94
N GLY D 106 -19.81 -22.89 13.58
CA GLY D 106 -20.48 -24.06 13.05
C GLY D 106 -21.68 -24.49 13.86
N PHE D 107 -21.94 -23.81 14.99
CA PHE D 107 -23.06 -24.16 15.86
C PHE D 107 -23.99 -22.99 16.12
N ARG D 108 -25.23 -23.32 16.48
CA ARG D 108 -26.20 -22.36 17.01
C ARG D 108 -26.49 -22.68 18.47
N ASP D 109 -26.81 -21.66 19.27
CA ASP D 109 -27.29 -21.86 20.63
C ASP D 109 -28.67 -21.22 20.65
N ASP D 110 -29.61 -21.87 19.97
CA ASP D 110 -30.97 -21.35 19.77
C ASP D 110 -31.87 -21.75 20.92
N TYR D 111 -32.88 -20.94 21.19
CA TYR D 111 -34.01 -21.45 21.97
C TYR D 111 -34.78 -22.28 20.94
N ALA D 112 -35.04 -23.53 21.31
CA ALA D 112 -35.64 -24.50 20.39
C ALA D 112 -36.64 -25.39 21.11
N LEU D 113 -37.48 -26.08 20.37
CA LEU D 113 -38.40 -27.01 20.99
C LEU D 113 -37.72 -28.36 20.99
N ALA D 114 -37.74 -29.02 22.15
CA ALA D 114 -37.18 -30.36 22.34
C ALA D 114 -38.29 -31.35 22.74
N VAL D 115 -38.23 -32.56 22.17
CA VAL D 115 -39.09 -33.66 22.61
C VAL D 115 -38.20 -34.83 23.08
N ARG D 116 -38.81 -35.90 23.58
CA ARG D 116 -38.06 -37.09 24.04
C ARG D 116 -37.51 -37.82 22.79
N ALA D 117 -36.29 -38.34 22.89
CA ALA D 117 -35.57 -38.86 21.73
C ALA D 117 -36.24 -40.10 21.13
N ASP D 118 -36.45 -41.12 21.98
CA ASP D 118 -37.11 -42.34 21.51
C ASP D 118 -38.49 -42.01 20.94
N TRP D 119 -39.21 -41.09 21.57
CA TRP D 119 -40.53 -40.69 21.09
C TRP D 119 -40.47 -40.17 19.65
N ALA D 120 -39.47 -39.33 19.37
CA ALA D 120 -39.33 -38.66 18.08
C ALA D 120 -38.94 -39.60 16.95
N GLU D 121 -38.04 -40.54 17.24
CA GLU D 121 -37.63 -41.55 16.25
C GLU D 121 -38.80 -42.44 15.89
N GLU D 122 -39.67 -42.69 16.86
CA GLU D 122 -40.82 -43.59 16.69
C GLU D 122 -41.94 -42.95 15.86
N ASN D 123 -41.95 -41.62 15.75
CA ASN D 123 -42.95 -40.92 14.95
C ASN D 123 -42.35 -40.12 13.77
N GLY D 124 -41.06 -40.33 13.50
CA GLY D 124 -40.38 -39.67 12.38
C GLY D 124 -40.39 -38.14 12.41
N VAL D 125 -40.54 -37.56 13.60
CA VAL D 125 -40.59 -36.11 13.77
C VAL D 125 -39.20 -35.53 13.94
N GLU D 126 -38.79 -34.68 13.00
CA GLU D 126 -37.50 -34.01 13.05
C GLU D 126 -37.62 -32.49 13.17
N LYS D 127 -38.80 -31.94 12.85
CA LYS D 127 -39.01 -30.49 12.89
C LYS D 127 -40.35 -30.10 13.52
N ILE D 128 -40.53 -28.80 13.75
CA ILE D 128 -41.67 -28.31 14.54
C ILE D 128 -43.01 -28.53 13.83
N SER D 129 -43.05 -28.43 12.50
CA SER D 129 -44.30 -28.59 11.74
C SER D 129 -44.83 -30.04 11.72
N ASP D 130 -43.99 -30.99 12.11
CA ASP D 130 -44.40 -32.38 12.28
C ASP D 130 -45.21 -32.65 13.55
N LEU D 131 -45.17 -31.72 14.50
CA LEU D 131 -45.93 -31.87 15.76
C LEU D 131 -47.44 -31.66 15.61
N ALA D 132 -47.89 -31.08 14.50
CA ALA D 132 -49.32 -30.75 14.29
C ALA D 132 -50.26 -31.96 14.49
N GLU D 133 -49.84 -33.10 13.96
CA GLU D 133 -50.57 -34.36 14.13
C GLU D 133 -50.76 -34.73 15.60
N PHE D 134 -49.74 -34.47 16.41
CA PHE D 134 -49.71 -34.87 17.80
C PHE D 134 -49.93 -33.71 18.78
N ALA D 135 -50.30 -32.54 18.25
CA ALA D 135 -50.39 -31.32 19.09
C ALA D 135 -51.49 -31.45 20.13
N ASP D 136 -52.66 -31.93 19.71
CA ASP D 136 -53.81 -32.08 20.61
C ASP D 136 -53.69 -33.27 21.59
N GLN D 137 -52.53 -33.91 21.59
CA GLN D 137 -52.21 -35.01 22.51
C GLN D 137 -50.96 -34.72 23.36
N LEU D 138 -50.36 -33.54 23.20
CA LEU D 138 -49.07 -33.23 23.82
C LEU D 138 -49.17 -32.16 24.92
N VAL D 139 -48.35 -32.32 25.96
CA VAL D 139 -48.26 -31.38 27.06
C VAL D 139 -46.97 -30.59 26.91
N PHE D 140 -47.07 -29.26 27.01
CA PHE D 140 -45.93 -28.36 26.88
C PHE D 140 -45.58 -27.78 28.24
N GLY D 141 -44.29 -27.85 28.60
CA GLY D 141 -43.78 -27.33 29.86
C GLY D 141 -42.88 -26.15 29.58
N SER D 142 -43.22 -25.01 30.18
CA SER D 142 -42.65 -23.73 29.82
C SER D 142 -42.34 -22.88 31.03
N ASP D 143 -41.28 -22.08 30.98
CA ASP D 143 -41.13 -20.96 31.92
C ASP D 143 -42.18 -19.90 31.55
N PRO D 144 -42.59 -19.04 32.50
CA PRO D 144 -43.76 -18.16 32.27
C PRO D 144 -43.56 -17.02 31.24
N GLU D 145 -42.31 -16.60 31.01
CA GLU D 145 -42.00 -15.55 30.05
C GLU D 145 -42.16 -16.03 28.60
N PHE D 146 -41.68 -17.25 28.34
CA PHE D 146 -41.83 -17.88 27.04
C PHE D 146 -43.30 -18.15 26.66
N ALA D 147 -44.16 -18.38 27.64
CA ALA D 147 -45.53 -18.83 27.36
C ALA D 147 -46.49 -17.71 27.00
N SER D 148 -46.30 -16.52 27.57
CA SER D 148 -47.23 -15.41 27.39
C SER D 148 -46.71 -14.29 26.46
N ARG D 149 -45.41 -14.03 26.47
CA ARG D 149 -44.82 -12.97 25.64
C ARG D 149 -45.02 -13.26 24.14
N PRO D 150 -45.44 -12.26 23.36
CA PRO D 150 -45.88 -12.50 21.97
C PRO D 150 -44.88 -13.21 21.04
N ASP D 151 -43.57 -13.01 21.23
CA ASP D 151 -42.54 -13.56 20.31
C ASP D 151 -41.97 -14.94 20.73
N GLY D 152 -42.73 -15.67 21.56
CA GLY D 152 -42.34 -16.99 22.05
C GLY D 152 -43.34 -18.07 21.66
N LEU D 153 -43.95 -18.73 22.65
CA LEU D 153 -44.99 -19.74 22.41
C LEU D 153 -46.14 -19.22 21.53
N PRO D 154 -46.69 -18.04 21.82
CA PRO D 154 -47.68 -17.41 20.94
C PRO D 154 -47.22 -17.26 19.48
N GLN D 155 -45.93 -16.98 19.26
CA GLN D 155 -45.39 -16.90 17.90
C GLN D 155 -45.30 -18.29 17.22
N ILE D 156 -45.03 -19.34 18.00
CA ILE D 156 -45.02 -20.70 17.46
C ILE D 156 -46.43 -21.15 17.06
N LYS D 157 -47.44 -20.80 17.87
CA LYS D 157 -48.83 -21.18 17.57
C LYS D 157 -49.35 -20.46 16.32
N LYS D 158 -48.84 -19.25 16.10
CA LYS D 158 -49.22 -18.41 14.95
C LYS D 158 -48.58 -18.88 13.64
N VAL D 159 -47.34 -19.38 13.72
CA VAL D 159 -46.55 -19.74 12.53
C VAL D 159 -46.73 -21.19 12.11
N TYR D 160 -47.03 -22.06 13.07
CA TYR D 160 -47.24 -23.49 12.81
C TYR D 160 -48.74 -23.88 12.87
N GLY D 161 -49.60 -22.91 13.18
CA GLY D 161 -51.04 -23.09 13.11
C GLY D 161 -51.67 -24.04 14.11
N PHE D 162 -50.90 -24.56 15.07
CA PHE D 162 -51.41 -25.52 16.05
C PHE D 162 -51.29 -25.04 17.50
N GLU D 163 -51.88 -25.82 18.40
CA GLU D 163 -51.93 -25.52 19.83
C GLU D 163 -51.70 -26.80 20.65
N PHE D 164 -51.09 -26.68 21.82
CA PHE D 164 -50.82 -27.85 22.66
C PHE D 164 -52.02 -28.14 23.58
N LYS D 165 -52.20 -29.42 23.90
CA LYS D 165 -53.28 -29.90 24.76
C LYS D 165 -53.23 -29.29 26.18
N GLU D 166 -52.05 -29.26 26.77
CA GLU D 166 -51.81 -28.57 28.05
C GLU D 166 -50.57 -27.68 27.94
N VAL D 167 -50.57 -26.58 28.68
CA VAL D 167 -49.41 -25.74 28.84
C VAL D 167 -49.20 -25.53 30.34
N LYS D 168 -48.27 -26.28 30.94
CA LYS D 168 -47.90 -26.12 32.35
C LYS D 168 -46.74 -25.14 32.54
N GLN D 169 -46.97 -24.06 33.29
CA GLN D 169 -45.90 -23.11 33.65
C GLN D 169 -45.05 -23.69 34.78
N MET D 170 -43.73 -23.49 34.71
CA MET D 170 -42.80 -23.98 35.73
C MET D 170 -41.40 -23.40 35.49
N GLU D 171 -40.72 -23.02 36.55
CA GLU D 171 -39.39 -22.43 36.44
C GLU D 171 -38.40 -23.49 35.86
N PRO D 172 -37.43 -23.05 35.04
CA PRO D 172 -36.56 -23.97 34.27
C PRO D 172 -35.89 -25.10 35.06
N THR D 173 -35.66 -24.86 36.35
CA THR D 173 -34.98 -25.82 37.24
C THR D 173 -35.50 -27.28 37.17
N LEU D 174 -36.82 -27.45 37.09
CA LEU D 174 -37.42 -28.79 37.09
C LEU D 174 -38.18 -29.10 35.81
N MET D 175 -37.98 -28.25 34.80
CA MET D 175 -38.50 -28.48 33.45
C MET D 175 -37.98 -29.80 32.89
N TYR D 176 -36.68 -30.02 33.06
CA TYR D 176 -36.04 -31.23 32.51
C TYR D 176 -36.47 -32.49 33.26
N GLU D 177 -36.56 -32.36 34.58
CA GLU D 177 -37.04 -33.47 35.43
C GLU D 177 -38.42 -33.95 34.96
N ALA D 178 -39.25 -32.99 34.56
CA ALA D 178 -40.63 -33.25 34.13
C ALA D 178 -40.72 -33.96 32.78
N ILE D 179 -39.86 -33.61 31.82
CA ILE D 179 -39.93 -34.23 30.50
C ILE D 179 -39.43 -35.69 30.46
N LYS D 180 -38.43 -35.99 31.27
CA LYS D 180 -37.97 -37.38 31.46
C LYS D 180 -39.04 -38.19 32.19
N ASN D 181 -39.61 -37.60 33.24
CA ASN D 181 -40.62 -38.26 34.08
C ASN D 181 -42.03 -38.26 33.46
N LYS D 182 -42.12 -37.91 32.17
CA LYS D 182 -43.33 -38.02 31.32
C LYS D 182 -44.46 -37.06 31.71
N GLN D 183 -44.22 -36.24 32.73
CA GLN D 183 -45.12 -35.16 33.10
C GLN D 183 -45.48 -34.30 31.89
N VAL D 184 -44.46 -33.69 31.29
CA VAL D 184 -44.59 -32.90 30.07
C VAL D 184 -43.93 -33.64 28.90
N ASP D 185 -44.36 -33.33 27.68
CA ASP D 185 -43.82 -33.97 26.47
C ASP D 185 -42.81 -33.10 25.72
N VAL D 186 -43.03 -31.78 25.74
CA VAL D 186 -42.28 -30.83 24.90
C VAL D 186 -41.88 -29.62 25.74
N ILE D 187 -40.59 -29.26 25.74
CA ILE D 187 -40.12 -28.07 26.46
C ILE D 187 -39.28 -27.15 25.55
N PRO D 188 -39.15 -25.88 25.94
CA PRO D 188 -38.20 -25.00 25.27
C PRO D 188 -36.83 -25.22 25.89
N ALA D 189 -35.85 -25.50 25.06
CA ALA D 189 -34.49 -25.72 25.53
C ALA D 189 -33.48 -24.96 24.64
N TYR D 190 -32.36 -24.58 25.23
CA TYR D 190 -31.21 -24.05 24.49
C TYR D 190 -30.47 -25.17 23.79
N THR D 191 -30.12 -25.00 22.52
CA THR D 191 -29.64 -26.16 21.73
C THR D 191 -28.31 -26.70 22.21
N THR D 192 -27.49 -25.91 22.89
CA THR D 192 -26.22 -26.42 23.41
C THR D 192 -26.25 -26.74 24.90
N ASP D 193 -27.45 -26.78 25.48
CA ASP D 193 -27.58 -27.08 26.90
C ASP D 193 -27.24 -28.53 27.12
N SER D 194 -26.32 -28.81 28.03
CA SER D 194 -25.89 -30.17 28.35
C SER D 194 -27.06 -31.09 28.77
N ARG D 195 -28.14 -30.49 29.26
CA ARG D 195 -29.30 -31.23 29.71
C ARG D 195 -30.06 -31.84 28.56
N VAL D 196 -29.89 -31.31 27.35
CA VAL D 196 -30.45 -31.98 26.16
C VAL D 196 -29.83 -33.37 25.95
N ASP D 197 -28.57 -33.52 26.37
CA ASP D 197 -27.88 -34.81 26.32
C ASP D 197 -28.20 -35.70 27.54
N LEU D 198 -28.09 -35.13 28.73
CA LEU D 198 -28.34 -35.84 29.98
C LEU D 198 -29.67 -36.59 29.93
N PHE D 199 -30.73 -35.86 29.60
CA PHE D 199 -32.10 -36.38 29.58
C PHE D 199 -32.54 -36.92 28.20
N ASN D 200 -31.60 -37.16 27.29
CA ASN D 200 -31.90 -37.84 26.03
C ASN D 200 -33.05 -37.22 25.20
N LEU D 201 -32.92 -35.93 24.85
CA LEU D 201 -33.88 -35.24 24.00
C LEU D 201 -33.37 -35.00 22.57
N LYS D 202 -34.31 -34.76 21.66
CA LYS D 202 -34.03 -34.30 20.29
C LYS D 202 -34.56 -32.87 20.05
N ILE D 203 -33.73 -32.06 19.39
CA ILE D 203 -34.06 -30.68 19.06
C ILE D 203 -34.69 -30.68 17.69
N LEU D 204 -35.77 -29.92 17.53
CA LEU D 204 -36.48 -29.85 16.27
C LEU D 204 -36.01 -28.65 15.45
N GLU D 205 -35.94 -28.83 14.14
CA GLU D 205 -35.63 -27.72 13.26
C GLU D 205 -36.79 -26.74 13.34
N ASP D 206 -36.49 -25.49 13.65
CA ASP D 206 -37.47 -24.41 13.49
C ASP D 206 -37.60 -24.14 11.98
N ASP D 207 -38.34 -25.02 11.29
CA ASP D 207 -38.33 -25.09 9.81
C ASP D 207 -39.08 -23.92 9.14
N LYS D 208 -40.02 -23.31 9.83
CA LYS D 208 -40.74 -22.18 9.26
C LYS D 208 -40.09 -20.86 9.71
N GLY D 209 -39.12 -20.95 10.62
CA GLY D 209 -38.38 -19.77 11.05
C GLY D 209 -39.15 -18.84 11.95
N ALA D 210 -39.88 -19.38 12.92
CA ALA D 210 -40.62 -18.57 13.89
C ALA D 210 -39.70 -17.92 14.94
N LEU D 211 -38.55 -18.55 15.19
CA LEU D 211 -37.64 -18.10 16.26
C LEU D 211 -36.29 -17.66 15.72
N PRO D 212 -35.63 -16.72 16.39
CA PRO D 212 -34.40 -16.14 15.82
C PRO D 212 -33.26 -17.16 15.79
N PRO D 213 -32.29 -16.98 14.89
CA PRO D 213 -31.12 -17.87 14.84
C PRO D 213 -29.99 -17.31 15.72
N TYR D 214 -29.18 -18.16 16.35
CA TYR D 214 -28.11 -17.69 17.21
C TYR D 214 -26.83 -18.43 16.83
N ASP D 215 -26.35 -18.17 15.62
CA ASP D 215 -25.09 -18.79 15.13
C ASP D 215 -23.93 -18.17 15.89
N ALA D 216 -23.04 -18.98 16.46
CA ALA D 216 -21.85 -18.44 17.13
C ALA D 216 -20.83 -17.93 16.13
N ILE D 217 -20.35 -16.71 16.34
CA ILE D 217 -19.41 -16.06 15.41
C ILE D 217 -18.29 -15.42 16.22
N ILE D 218 -17.07 -15.55 15.72
CA ILE D 218 -15.95 -14.80 16.30
C ILE D 218 -15.94 -13.39 15.70
N ILE D 219 -16.07 -12.36 16.54
CA ILE D 219 -16.03 -10.97 16.07
C ILE D 219 -14.82 -10.24 16.65
N VAL D 220 -14.24 -9.33 15.86
CA VAL D 220 -12.89 -8.79 16.10
C VAL D 220 -12.91 -7.28 15.89
N ASN D 221 -12.23 -6.55 16.78
CA ASN D 221 -12.06 -5.11 16.64
C ASN D 221 -11.47 -4.79 15.27
N GLY D 222 -11.93 -3.72 14.63
CA GLY D 222 -11.51 -3.38 13.28
C GLY D 222 -10.03 -3.11 13.13
N ASN D 223 -9.44 -2.37 14.07
CA ASN D 223 -8.02 -2.12 14.06
C ASN D 223 -7.24 -3.43 14.19
N THR D 224 -7.62 -4.28 15.15
CA THR D 224 -6.99 -5.58 15.31
C THR D 224 -7.15 -6.45 14.07
N ALA D 225 -8.30 -6.39 13.39
CA ALA D 225 -8.56 -7.23 12.23
C ALA D 225 -7.73 -6.89 10.99
N LYS D 226 -7.01 -5.76 11.03
CA LYS D 226 -6.03 -5.45 9.99
C LYS D 226 -4.92 -6.49 9.98
N ASP D 227 -4.77 -7.24 11.08
CA ASP D 227 -3.78 -8.32 11.14
C ASP D 227 -4.27 -9.56 10.39
N GLU D 228 -3.81 -9.72 9.17
CA GLU D 228 -4.23 -10.84 8.33
C GLU D 228 -3.84 -12.22 8.86
N LYS D 229 -2.66 -12.36 9.48
CA LYS D 229 -2.24 -13.65 10.03
C LYS D 229 -3.19 -14.05 11.16
N LEU D 230 -3.52 -13.07 12.00
CA LEU D 230 -4.41 -13.27 13.15
C LEU D 230 -5.78 -13.78 12.69
N ILE D 231 -6.34 -13.09 11.71
CA ILE D 231 -7.66 -13.44 11.19
C ILE D 231 -7.59 -14.86 10.64
N SER D 232 -6.55 -15.16 9.88
CA SER D 232 -6.37 -16.52 9.33
C SER D 232 -6.24 -17.63 10.40
N VAL D 233 -5.62 -17.33 11.55
CA VAL D 233 -5.62 -18.27 12.67
C VAL D 233 -7.03 -18.50 13.25
N LEU D 234 -7.77 -17.41 13.48
CA LEU D 234 -9.15 -17.54 13.92
C LEU D 234 -9.98 -18.41 12.98
N LYS D 235 -9.74 -18.29 11.68
CA LYS D 235 -10.49 -19.03 10.67
C LYS D 235 -10.17 -20.55 10.65
N LEU D 236 -9.13 -20.96 11.37
CA LEU D 236 -8.90 -22.39 11.63
C LEU D 236 -10.09 -23.08 12.34
N LEU D 237 -10.85 -22.35 13.16
CA LEU D 237 -12.06 -22.84 13.83
C LEU D 237 -13.32 -22.73 13.00
N GLU D 238 -13.25 -22.17 11.81
CA GLU D 238 -14.43 -22.01 10.97
C GLU D 238 -15.10 -23.35 10.69
N ASP D 239 -16.40 -23.44 10.97
CA ASP D 239 -17.19 -24.65 10.77
C ASP D 239 -16.61 -25.91 11.43
N ARG D 240 -15.84 -25.73 12.50
CA ARG D 240 -15.21 -26.86 13.19
C ARG D 240 -16.02 -27.41 14.38
N ILE D 241 -17.00 -26.65 14.85
CA ILE D 241 -17.76 -27.01 16.05
C ILE D 241 -19.23 -27.01 15.71
N ASP D 242 -19.79 -28.20 15.51
CA ASP D 242 -21.23 -28.25 15.27
C ASP D 242 -21.97 -28.25 16.60
N THR D 243 -23.29 -28.15 16.55
CA THR D 243 -24.12 -27.96 17.73
C THR D 243 -24.03 -29.18 18.63
N ASP D 244 -24.02 -30.36 18.03
CA ASP D 244 -23.83 -31.59 18.78
C ASP D 244 -22.51 -31.55 19.58
N THR D 245 -21.45 -31.07 18.94
CA THR D 245 -20.12 -31.02 19.53
C THR D 245 -20.06 -29.98 20.66
N MET D 246 -20.61 -28.79 20.43
CA MET D 246 -20.58 -27.76 21.48
C MET D 246 -21.34 -28.25 22.73
N ARG D 247 -22.50 -28.85 22.51
CA ARG D 247 -23.28 -29.42 23.61
C ARG D 247 -22.46 -30.44 24.40
N ALA D 248 -21.66 -31.26 23.70
CA ALA D 248 -20.79 -32.23 24.37
C ALA D 248 -19.71 -31.59 25.20
N LEU D 249 -19.12 -30.51 24.70
CA LEU D 249 -18.12 -29.78 25.47
C LEU D 249 -18.76 -29.11 26.71
N ASN D 250 -19.96 -28.57 26.56
CA ASN D 250 -20.68 -27.91 27.67
C ASN D 250 -20.98 -29.00 28.75
N TYR D 251 -21.26 -30.20 28.25
CA TYR D 251 -21.53 -31.38 29.08
C TYR D 251 -20.29 -31.69 29.91
N GLN D 252 -19.10 -31.57 29.32
CA GLN D 252 -17.87 -31.77 30.05
C GLN D 252 -17.70 -30.79 31.21
N TYR D 253 -18.13 -29.55 31.01
CA TYR D 253 -18.04 -28.51 32.04
C TYR D 253 -19.16 -28.66 33.12
N ASP D 254 -20.38 -28.88 32.67
CA ASP D 254 -21.55 -28.87 33.55
C ASP D 254 -21.65 -30.15 34.39
N VAL D 255 -21.55 -31.29 33.72
CA VAL D 255 -21.78 -32.63 34.31
C VAL D 255 -20.49 -33.30 34.75
N GLU D 256 -19.50 -33.35 33.86
CA GLU D 256 -18.20 -34.00 34.16
C GLU D 256 -17.27 -33.10 35.00
N LYS D 257 -17.67 -31.85 35.22
CA LYS D 257 -16.94 -30.92 36.10
C LYS D 257 -15.49 -30.57 35.68
N LYS D 258 -15.17 -30.75 34.40
CA LYS D 258 -13.85 -30.39 33.87
C LYS D 258 -13.69 -28.87 33.66
N ASP D 259 -12.47 -28.40 33.95
CA ASP D 259 -12.02 -27.00 33.77
C ASP D 259 -12.12 -26.61 32.28
N ALA D 260 -12.47 -25.36 32.03
CA ALA D 260 -12.78 -24.91 30.68
C ALA D 260 -11.56 -24.96 29.79
N ARG D 261 -10.42 -24.59 30.34
CA ARG D 261 -9.17 -24.64 29.62
C ARG D 261 -8.80 -26.08 29.21
N GLU D 262 -8.99 -27.06 30.10
CA GLU D 262 -8.74 -28.49 29.81
C GLU D 262 -9.64 -28.99 28.69
N ILE D 263 -10.93 -28.61 28.74
CA ILE D 263 -11.90 -28.99 27.72
C ILE D 263 -11.44 -28.46 26.38
N ALA D 264 -11.07 -27.17 26.34
CA ALA D 264 -10.58 -26.51 25.13
C ALA D 264 -9.33 -27.17 24.53
N MET D 265 -8.33 -27.43 25.38
CA MET D 265 -7.06 -28.08 24.97
C MET D 265 -7.30 -29.43 24.36
N SER D 266 -8.12 -30.23 25.05
CA SER D 266 -8.48 -31.57 24.60
C SER D 266 -9.16 -31.58 23.25
N PHE D 267 -10.07 -30.62 23.04
CA PHE D 267 -10.72 -30.47 21.75
C PHE D 267 -9.75 -30.06 20.65
N LEU D 268 -8.92 -29.04 20.88
CA LEU D 268 -7.99 -28.61 19.84
C LEU D 268 -7.01 -29.74 19.45
N LYS D 269 -6.56 -30.49 20.45
CA LYS D 269 -5.66 -31.63 20.20
C LYS D 269 -6.36 -32.66 19.32
N GLU D 270 -7.59 -33.02 19.67
CA GLU D 270 -8.36 -34.00 18.90
C GLU D 270 -8.58 -33.58 17.45
N GLN D 271 -8.72 -32.29 17.23
CA GLN D 271 -8.97 -31.72 15.91
C GLN D 271 -7.68 -31.48 15.11
N GLY D 272 -6.53 -31.74 15.72
CA GLY D 272 -5.25 -31.59 15.07
C GLY D 272 -4.83 -30.14 14.85
N LEU D 273 -5.25 -29.25 15.74
CA LEU D 273 -5.00 -27.82 15.62
C LEU D 273 -3.91 -27.33 16.58
N VAL D 274 -3.65 -28.13 17.61
CA VAL D 274 -2.52 -27.89 18.53
C VAL D 274 -1.87 -29.21 18.96
N LYS D 275 -0.67 -29.07 19.54
CA LYS D 275 0.28 -30.13 19.82
C LYS D 275 0.74 -30.77 18.54
CL CL E . -5.01 -15.66 -24.81
CL CL F . 2.37 -13.21 -15.66
MG MG G . -7.71 -24.53 4.39
CL CL H . 6.46 0.05 -18.45
CL CL I . 12.47 9.34 -27.21
CL CL J . 4.25 16.62 24.87
CL CL K . 15.95 15.67 22.06
CL CL L . -33.76 -2.81 10.95
CL CL M . -31.79 -11.66 21.47
#